data_3LTR
# 
_entry.id   3LTR 
# 
_audit_conform.dict_name       mmcif_pdbx.dic 
_audit_conform.dict_version    5.379 
_audit_conform.dict_location   http://mmcif.pdb.org/dictionaries/ascii/mmcif_pdbx.dic 
# 
loop_
_database_2.database_id 
_database_2.database_code 
_database_2.pdbx_database_accession 
_database_2.pdbx_DOI 
PDB   3LTR         pdb_00003ltr 10.2210/pdb3ltr/pdb 
NDB   NA0451       ?            ?                   
RCSB  RCSB057719   ?            ?                   
WWPDB D_1000057719 ?            ?                   
# 
loop_
_pdbx_database_related.db_name 
_pdbx_database_related.db_id 
_pdbx_database_related.details 
_pdbx_database_related.content_type 
PDB 3IJK . unspecified 
PDB 3LTU . unspecified 
# 
_pdbx_database_status.status_code                     REL 
_pdbx_database_status.entry_id                        3LTR 
_pdbx_database_status.recvd_initial_deposition_date   2010-02-16 
_pdbx_database_status.deposit_site                    RCSB 
_pdbx_database_status.process_site                    RCSB 
_pdbx_database_status.status_code_sf                  REL 
_pdbx_database_status.status_code_mr                  ? 
_pdbx_database_status.SG_entry                        ? 
_pdbx_database_status.status_code_cs                  ? 
_pdbx_database_status.pdb_format_compatible           Y 
_pdbx_database_status.status_code_nmr_data            ? 
_pdbx_database_status.methods_development_category    ? 
# 
loop_
_audit_author.name 
_audit_author.pdbx_ordinal 
'Sheng, J.'      1 
'Hassan, A.E.A.' 2 
'Zhang, W.'      3 
'Gan, J.'        4 
'Huang, Z.'      5 
# 
_citation.id                        primary 
_citation.title                     'Hydrogen bond formation between the naturally modified nucleobase and phosphate backbone.' 
_citation.journal_abbrev            'Nucleic Acids Res.' 
_citation.journal_volume            40 
_citation.page_first                8111 
_citation.page_last                 8118 
_citation.year                      2012 
_citation.journal_id_ASTM           NARHAD 
_citation.country                   UK 
_citation.journal_id_ISSN           0305-1048 
_citation.journal_id_CSD            0389 
_citation.book_publisher            ? 
_citation.pdbx_database_id_PubMed   22641848 
_citation.pdbx_database_id_DOI      10.1093/nar/gks426 
# 
loop_
_citation_author.citation_id 
_citation_author.name 
_citation_author.ordinal 
_citation_author.identifier_ORCID 
primary 'Sheng, J.'    1 ? 
primary 'Zhang, W.'    2 ? 
primary 'Hassan, A.E.' 3 ? 
primary 'Gan, J.'      4 ? 
primary 'Soares, A.S.' 5 ? 
primary 'Geng, S.'     6 ? 
primary 'Ren, Y.'      7 ? 
primary 'Huang, Z.'    8 ? 
# 
_cell.entry_id           3LTR 
_cell.length_a           42.992 
_cell.length_b           42.992 
_cell.length_c           23.822 
_cell.angle_alpha        90.00 
_cell.angle_beta         90.00 
_cell.angle_gamma        90.00 
_cell.Z_PDB              8 
_cell.pdbx_unique_axis   ? 
_cell.length_a_esd       ? 
_cell.length_b_esd       ? 
_cell.length_c_esd       ? 
_cell.angle_alpha_esd    ? 
_cell.angle_beta_esd     ? 
_cell.angle_gamma_esd    ? 
# 
_symmetry.entry_id                         3LTR 
_symmetry.space_group_name_H-M             'P 43 21 2' 
_symmetry.pdbx_full_space_group_name_H-M   ? 
_symmetry.cell_setting                     ? 
_symmetry.Int_Tables_number                96 
_symmetry.space_group_name_Hall            ? 
# 
loop_
_entity.id 
_entity.type 
_entity.src_method 
_entity.pdbx_description 
_entity.formula_weight 
_entity.pdbx_number_of_molecules 
_entity.pdbx_ec 
_entity.pdbx_mutation 
_entity.pdbx_fragment 
_entity.details 
1 polymer     syn "5'-D(*GP*(UMS)P*GP*(T5O)P*AP*CP*AP*C)-3'" 2521.577 1  ? ? ? ? 
2 non-polymer syn 'MAGNESIUM ION'                            24.305   1  ? ? ? ? 
3 water       nat water                                      18.015   42 ? ? ? ? 
# 
_entity_poly.entity_id                      1 
_entity_poly.type                           polydeoxyribonucleotide 
_entity_poly.nstd_linkage                   no 
_entity_poly.nstd_monomer                   yes 
_entity_poly.pdbx_seq_one_letter_code       '(DG)(UMS)(DG)(T5O)(DA)(DC)(DA)(DC)' 
_entity_poly.pdbx_seq_one_letter_code_can   GUGUACAC 
_entity_poly.pdbx_strand_id                 A 
_entity_poly.pdbx_target_identifier         ? 
# 
loop_
_entity_poly_seq.entity_id 
_entity_poly_seq.num 
_entity_poly_seq.mon_id 
_entity_poly_seq.hetero 
1 1 DG  n 
1 2 UMS n 
1 3 DG  n 
1 4 T5O n 
1 5 DA  n 
1 6 DC  n 
1 7 DA  n 
1 8 DC  n 
# 
_pdbx_entity_src_syn.entity_id              1 
_pdbx_entity_src_syn.pdbx_src_id            1 
_pdbx_entity_src_syn.pdbx_alt_source_flag   sample 
_pdbx_entity_src_syn.pdbx_beg_seq_num       ? 
_pdbx_entity_src_syn.pdbx_end_seq_num       ? 
_pdbx_entity_src_syn.organism_scientific    ? 
_pdbx_entity_src_syn.organism_common_name   ? 
_pdbx_entity_src_syn.ncbi_taxonomy_id       ? 
_pdbx_entity_src_syn.details                'Synthesized by solid phase synthesizer' 
# 
_struct_ref.id                         1 
_struct_ref.db_name                    PDB 
_struct_ref.db_code                    3LTR 
_struct_ref.pdbx_db_accession          3LTR 
_struct_ref.entity_id                  1 
_struct_ref.pdbx_align_begin           ? 
_struct_ref.pdbx_seq_one_letter_code   GUGUACAC 
_struct_ref.pdbx_db_isoform            ? 
# 
_struct_ref_seq.align_id                      1 
_struct_ref_seq.ref_id                        1 
_struct_ref_seq.pdbx_PDB_id_code              3LTR 
_struct_ref_seq.pdbx_strand_id                A 
_struct_ref_seq.seq_align_beg                 1 
_struct_ref_seq.pdbx_seq_align_beg_ins_code   ? 
_struct_ref_seq.seq_align_end                 8 
_struct_ref_seq.pdbx_seq_align_end_ins_code   ? 
_struct_ref_seq.pdbx_db_accession             3LTR 
_struct_ref_seq.db_align_beg                  1 
_struct_ref_seq.pdbx_db_align_beg_ins_code    ? 
_struct_ref_seq.db_align_end                  8 
_struct_ref_seq.pdbx_db_align_end_ins_code    ? 
_struct_ref_seq.pdbx_auth_seq_align_beg       1 
_struct_ref_seq.pdbx_auth_seq_align_end       8 
# 
loop_
_chem_comp.id 
_chem_comp.type 
_chem_comp.mon_nstd_flag 
_chem_comp.name 
_chem_comp.pdbx_synonyms 
_chem_comp.formula 
_chem_comp.formula_weight 
DA  'DNA linking' y "2'-DEOXYADENOSINE-5'-MONOPHOSPHATE"                  ?                                        
'C10 H14 N5 O6 P'    331.222 
DC  'DNA linking' y "2'-DEOXYCYTIDINE-5'-MONOPHOSPHATE"                   ?                                        
'C9 H14 N3 O7 P'     307.197 
DG  'DNA linking' y "2'-DEOXYGUANOSINE-5'-MONOPHOSPHATE"                  ?                                        
'C10 H14 N5 O7 P'    347.221 
HOH non-polymer   . WATER                                                 ?                                        'H2 O' 18.015  
MG  non-polymer   . 'MAGNESIUM ION'                                       ?                                        'Mg 2' 24.305  
T5O 'DNA linking' n 
;2'-deoxy-5-methoxyuridine 5'-(dihydrogen phosphate)
;
"5-methoxy-2'-deoxyuridine-5'-phosphate" 'C10 H15 N2 O9 P'    338.208 
UMS 'DNA linking' n "2'-METHYLSELENYL-2'-DEOXYURIDINE-5'-PHOSPHATE"       ?                                        
'C10 H15 N2 O8 P Se' 401.168 
# 
_exptl.entry_id          3LTR 
_exptl.method            'X-RAY DIFFRACTION' 
_exptl.crystals_number   1 
# 
_exptl_crystal.id                    1 
_exptl_crystal.density_meas          ? 
_exptl_crystal.density_Matthews      2.18 
_exptl_crystal.density_percent_sol   43.65 
_exptl_crystal.description           ? 
_exptl_crystal.F_000                 ? 
_exptl_crystal.preparation           ? 
# 
_exptl_crystal_grow.crystal_id      1 
_exptl_crystal_grow.method          'VAPOR DIFFUSION, HANGING DROP' 
_exptl_crystal_grow.temp            293 
_exptl_crystal_grow.temp_details    ? 
_exptl_crystal_grow.pH              6.0 
_exptl_crystal_grow.pdbx_details    
;10% v / v MPD, 40 mM Na Cacodylate pH 6.0,12 mM Spermine tetra-HCl, 80 mM Sodium Chloride, 20 mM Magnesium Chloride, VAPOR DIFFUSION, HANGING DROP, temperature 293K
;
_exptl_crystal_grow.pdbx_pH_range   ? 
# 
_diffrn.id                     1 
_diffrn.ambient_temp           99 
_diffrn.ambient_temp_details   ? 
_diffrn.crystal_id             1 
# 
_diffrn_detector.diffrn_id              1 
_diffrn_detector.detector               CCD 
_diffrn_detector.type                   'ADSC QUANTUM 210' 
_diffrn_detector.pdbx_collection_date   2009-07-15 
_diffrn_detector.details                Mirrors 
# 
_diffrn_radiation.diffrn_id                        1 
_diffrn_radiation.wavelength_id                    1 
_diffrn_radiation.pdbx_monochromatic_or_laue_m_l   M 
_diffrn_radiation.monochromator                    'Si(111)' 
_diffrn_radiation.pdbx_diffrn_protocol             'SINGLE WAVELENGTH' 
_diffrn_radiation.pdbx_scattering_type             x-ray 
# 
_diffrn_radiation_wavelength.id           1 
_diffrn_radiation_wavelength.wavelength   0.9795 
_diffrn_radiation_wavelength.wt           1.0 
# 
_diffrn_source.diffrn_id                   1 
_diffrn_source.source                      SYNCHROTRON 
_diffrn_source.type                        'NSLS BEAMLINE X12C' 
_diffrn_source.pdbx_synchrotron_site       NSLS 
_diffrn_source.pdbx_synchrotron_beamline   X12C 
_diffrn_source.pdbx_wavelength             ? 
_diffrn_source.pdbx_wavelength_list        0.9795 
# 
_reflns.entry_id                     3LTR 
_reflns.observed_criterion_sigma_I   ? 
_reflns.observed_criterion_sigma_F   ? 
_reflns.d_resolution_low             50 
_reflns.d_resolution_high            1.30 
_reflns.number_obs                   5389 
_reflns.number_all                   5922 
_reflns.percent_possible_obs         91 
_reflns.pdbx_Rmerge_I_obs            0.060 
_reflns.pdbx_Rsym_value              ? 
_reflns.pdbx_netI_over_sigmaI        36.7 
_reflns.B_iso_Wilson_estimate        ? 
_reflns.pdbx_redundancy              21.5 
_reflns.R_free_details               ? 
_reflns.limit_h_max                  ? 
_reflns.limit_h_min                  ? 
_reflns.limit_k_max                  ? 
_reflns.limit_k_min                  ? 
_reflns.limit_l_max                  ? 
_reflns.limit_l_min                  ? 
_reflns.observed_criterion_F_max     ? 
_reflns.observed_criterion_F_min     ? 
_reflns.pdbx_chi_squared             ? 
_reflns.pdbx_scaling_rejects         ? 
_reflns.pdbx_ordinal                 1 
_reflns.pdbx_diffrn_id               1 
# 
_reflns_shell.d_res_high             1.30 
_reflns_shell.d_res_low              1.35 
_reflns_shell.percent_possible_all   58.1 
_reflns_shell.Rmerge_I_obs           0.381 
_reflns_shell.pdbx_Rsym_value        ? 
_reflns_shell.meanI_over_sigI_obs    2.0 
_reflns_shell.pdbx_redundancy        5.5 
_reflns_shell.percent_possible_obs   ? 
_reflns_shell.number_unique_all      275 
_reflns_shell.number_measured_all    ? 
_reflns_shell.number_measured_obs    ? 
_reflns_shell.number_unique_obs      ? 
_reflns_shell.pdbx_chi_squared       ? 
_reflns_shell.pdbx_ordinal           1 
_reflns_shell.pdbx_diffrn_id         1 
# 
_refine.entry_id                                 3LTR 
_refine.ls_number_reflns_obs                     5117 
_refine.ls_number_reflns_all                     5612 
_refine.pdbx_ls_sigma_I                          . 
_refine.pdbx_ls_sigma_F                          . 
_refine.pdbx_data_cutoff_high_absF               ? 
_refine.pdbx_data_cutoff_low_absF                ? 
_refine.pdbx_data_cutoff_high_rms_absF           ? 
_refine.ls_d_res_low                             30.40 
_refine.ls_d_res_high                            1.30 
_refine.ls_percent_reflns_obs                    91.05 
_refine.ls_R_factor_obs                          0.20260 
_refine.ls_R_factor_all                          ? 
_refine.ls_R_factor_R_work                       0.20164 
_refine.ls_R_factor_R_free                       0.22240 
_refine.ls_R_factor_R_free_error                 ? 
_refine.ls_R_factor_R_free_error_details         ? 
_refine.ls_percent_reflns_R_free                 4.6 
_refine.ls_number_reflns_R_free                  246 
_refine.ls_number_parameters                     ? 
_refine.ls_number_restraints                     ? 
_refine.occupancy_min                            ? 
_refine.occupancy_max                            ? 
_refine.correlation_coeff_Fo_to_Fc               0.961 
_refine.correlation_coeff_Fo_to_Fc_free          0.955 
_refine.B_iso_mean                               13.098 
_refine.aniso_B[1][1]                            -0.25 
_refine.aniso_B[2][2]                            -0.25 
_refine.aniso_B[3][3]                            0.50 
_refine.aniso_B[1][2]                            0.00 
_refine.aniso_B[1][3]                            0.00 
_refine.aniso_B[2][3]                            0.00 
_refine.solvent_model_details                    MASK 
_refine.solvent_model_param_ksol                 ? 
_refine.solvent_model_param_bsol                 ? 
_refine.pdbx_solvent_vdw_probe_radii             1.20 
_refine.pdbx_solvent_ion_probe_radii             0.80 
_refine.pdbx_solvent_shrinkage_radii             0.80 
_refine.pdbx_ls_cross_valid_method               THROUGHOUT 
_refine.details                                  'HYDROGENS HAVE BEEN ADDED IN THE RIDING POSITIONS' 
_refine.pdbx_starting_model                      1DNS 
_refine.pdbx_method_to_determine_struct          'MOLECULAR REPLACEMENT' 
_refine.pdbx_isotropic_thermal_model             ? 
_refine.pdbx_stereochemistry_target_values       'MAXIMUM LIKELIHOOD' 
_refine.pdbx_stereochem_target_val_spec_case     ? 
_refine.pdbx_R_Free_selection_details            RANDOM 
_refine.pdbx_overall_ESU_R                       0.060 
_refine.pdbx_overall_ESU_R_Free                  0.061 
_refine.overall_SU_ML                            0.041 
_refine.overall_SU_B                             1.984 
_refine.ls_redundancy_reflns_obs                 ? 
_refine.B_iso_min                                ? 
_refine.B_iso_max                                ? 
_refine.overall_SU_R_Cruickshank_DPI             ? 
_refine.overall_SU_R_free                        ? 
_refine.ls_wR_factor_R_free                      ? 
_refine.ls_wR_factor_R_work                      ? 
_refine.overall_FOM_free_R_set                   ? 
_refine.overall_FOM_work_R_set                   ? 
_refine.pdbx_overall_phase_error                 ? 
_refine.pdbx_refine_id                           'X-RAY DIFFRACTION' 
_refine.pdbx_TLS_residual_ADP_flag               'LIKELY RESIDUAL' 
_refine.pdbx_diffrn_id                           1 
_refine.pdbx_overall_SU_R_free_Cruickshank_DPI   ? 
_refine.pdbx_overall_SU_R_Blow_DPI               ? 
_refine.pdbx_overall_SU_R_free_Blow_DPI          ? 
# 
_refine_analyze.entry_id                        3LTR 
_refine_analyze.Luzzati_coordinate_error_obs    0.060 
_refine_analyze.Luzzati_sigma_a_obs             ? 
_refine_analyze.Luzzati_d_res_low_obs           ? 
_refine_analyze.Luzzati_coordinate_error_free   0.061 
_refine_analyze.Luzzati_sigma_a_free            ? 
_refine_analyze.Luzzati_d_res_low_free          ? 
_refine_analyze.number_disordered_residues      ? 
_refine_analyze.occupancy_sum_hydrogen          ? 
_refine_analyze.occupancy_sum_non_hydrogen      ? 
_refine_analyze.pdbx_Luzzati_d_res_high_obs     ? 
_refine_analyze.pdbx_refine_id                  'X-RAY DIFFRACTION' 
# 
_refine_hist.pdbx_refine_id                   'X-RAY DIFFRACTION' 
_refine_hist.cycle_id                         LAST 
_refine_hist.pdbx_number_atoms_protein        0 
_refine_hist.pdbx_number_atoms_nucleic_acid   163 
_refine_hist.pdbx_number_atoms_ligand         1 
_refine_hist.number_atoms_solvent             42 
_refine_hist.number_atoms_total               206 
_refine_hist.d_res_high                       1.30 
_refine_hist.d_res_low                        30.40 
# 
loop_
_refine_ls_restr.type 
_refine_ls_restr.dev_ideal 
_refine_ls_restr.dev_ideal_target 
_refine_ls_restr.weight 
_refine_ls_restr.number 
_refine_ls_restr.pdbx_refine_id 
_refine_ls_restr.pdbx_restraint_function 
r_bond_refined_d         0.006 0.021 ? 182 'X-RAY DIFFRACTION' ? 
r_angle_refined_deg      1.251 3.000 ? 278 'X-RAY DIFFRACTION' ? 
r_chiral_restr           0.060 0.200 ? 32  'X-RAY DIFFRACTION' ? 
r_gen_planes_refined     0.008 0.020 ? 83  'X-RAY DIFFRACTION' ? 
r_nbd_refined            0.158 0.200 ? 59  'X-RAY DIFFRACTION' ? 
r_nbtor_refined          0.276 0.200 ? 108 'X-RAY DIFFRACTION' ? 
r_xyhbond_nbd_refined    0.151 0.200 ? 28  'X-RAY DIFFRACTION' ? 
r_symmetry_vdw_refined   0.187 0.200 ? 19  'X-RAY DIFFRACTION' ? 
r_symmetry_hbond_refined 0.088 0.200 ? 15  'X-RAY DIFFRACTION' ? 
r_scbond_it              0.895 3.000 ? 261 'X-RAY DIFFRACTION' ? 
r_scangle_it             1.318 4.500 ? 278 'X-RAY DIFFRACTION' ? 
# 
_refine_ls_shell.pdbx_total_number_of_bins_used   20 
_refine_ls_shell.d_res_high                       1.30 
_refine_ls_shell.d_res_low                        1.332 
_refine_ls_shell.number_reflns_R_work             174 
_refine_ls_shell.R_factor_R_work                  0.396 
_refine_ls_shell.percent_reflns_obs               43.90 
_refine_ls_shell.R_factor_R_free                  0.423 
_refine_ls_shell.R_factor_R_free_error            ? 
_refine_ls_shell.percent_reflns_R_free            ? 
_refine_ls_shell.number_reflns_R_free             13 
_refine_ls_shell.number_reflns_all                ? 
_refine_ls_shell.R_factor_all                     ? 
_refine_ls_shell.number_reflns_obs                ? 
_refine_ls_shell.redundancy_reflns_obs            ? 
_refine_ls_shell.pdbx_refine_id                   'X-RAY DIFFRACTION' 
# 
_struct.entry_id                  3LTR 
_struct.title                     '5-OMe-dU containing DNA 8mer' 
_struct.pdbx_model_details        ? 
_struct.pdbx_CASP_flag            ? 
_struct.pdbx_model_type_details   ? 
# 
_struct_keywords.entry_id        3LTR 
_struct_keywords.pdbx_keywords   DNA 
_struct_keywords.text            
;DNA, oligonucleotide, 2'-SeMe, 5-OMe, selenium, 5-methoxy-uridine
;
# 
loop_
_struct_asym.id 
_struct_asym.pdbx_blank_PDB_chainid_flag 
_struct_asym.pdbx_modified 
_struct_asym.entity_id 
_struct_asym.details 
A N N 1 ? 
B N N 2 ? 
C N N 3 ? 
# 
_struct_biol.id        1 
_struct_biol.details   ? 
# 
loop_
_struct_conn.id 
_struct_conn.conn_type_id 
_struct_conn.pdbx_leaving_atom_flag 
_struct_conn.pdbx_PDB_id 
_struct_conn.ptnr1_label_asym_id 
_struct_conn.ptnr1_label_comp_id 
_struct_conn.ptnr1_label_seq_id 
_struct_conn.ptnr1_label_atom_id 
_struct_conn.pdbx_ptnr1_label_alt_id 
_struct_conn.pdbx_ptnr1_PDB_ins_code 
_struct_conn.pdbx_ptnr1_standard_comp_id 
_struct_conn.ptnr1_symmetry 
_struct_conn.ptnr2_label_asym_id 
_struct_conn.ptnr2_label_comp_id 
_struct_conn.ptnr2_label_seq_id 
_struct_conn.ptnr2_label_atom_id 
_struct_conn.pdbx_ptnr2_label_alt_id 
_struct_conn.pdbx_ptnr2_PDB_ins_code 
_struct_conn.ptnr1_auth_asym_id 
_struct_conn.ptnr1_auth_comp_id 
_struct_conn.ptnr1_auth_seq_id 
_struct_conn.ptnr2_auth_asym_id 
_struct_conn.ptnr2_auth_comp_id 
_struct_conn.ptnr2_auth_seq_id 
_struct_conn.ptnr2_symmetry 
_struct_conn.pdbx_ptnr3_label_atom_id 
_struct_conn.pdbx_ptnr3_label_seq_id 
_struct_conn.pdbx_ptnr3_label_comp_id 
_struct_conn.pdbx_ptnr3_label_asym_id 
_struct_conn.pdbx_ptnr3_label_alt_id 
_struct_conn.pdbx_ptnr3_PDB_ins_code 
_struct_conn.details 
_struct_conn.pdbx_dist_value 
_struct_conn.pdbx_value_order 
_struct_conn.pdbx_role 
covale1  covale both ? A DG  1 "O3'" ? ? ? 1_555 A UMS 2 P  ? ? A DG  1  A UMS 2   1_555 ? ? ? ? ? ? ?            1.601 ? ? 
covale2  covale both ? A UMS 2 "O3'" ? ? ? 1_555 A DG  3 P  ? ? A UMS 2  A DG  3   1_555 ? ? ? ? ? ? ?            1.599 ? ? 
metalc1  metalc ?    ? A UMS 2 O4    ? ? ? 1_555 B MG  . MG ? ? A UMS 2  A MG  11  1_555 ? ? ? ? ? ? ?            2.895 ? ? 
metalc2  metalc ?    ? A DG  3 O6    ? ? ? 1_555 B MG  . MG ? ? A DG  3  A MG  11  1_555 ? ? ? ? ? ? ?            2.927 ? ? 
metalc3  metalc ?    ? B MG  . MG    ? ? ? 1_555 C HOH . O  ? ? A MG  11 A HOH 120 1_555 ? ? ? ? ? ? ?            2.631 ? ? 
hydrog1  hydrog ?    ? A DG  1 N1    ? ? ? 1_555 A DC  8 N3 ? ? A DG  1  A DC  8   7_555 ? ? ? ? ? ? WATSON-CRICK ?     ? ? 
hydrog2  hydrog ?    ? A DG  1 N2    ? ? ? 1_555 A DC  8 O2 ? ? A DG  1  A DC  8   7_555 ? ? ? ? ? ? WATSON-CRICK ?     ? ? 
hydrog3  hydrog ?    ? A DG  1 O6    ? ? ? 1_555 A DC  8 N4 ? ? A DG  1  A DC  8   7_555 ? ? ? ? ? ? WATSON-CRICK ?     ? ? 
hydrog4  hydrog ?    ? A UMS 2 N3    ? ? ? 1_555 A DA  7 N1 ? ? A UMS 2  A DA  7   7_555 ? ? ? ? ? ? WATSON-CRICK ?     ? ? 
hydrog5  hydrog ?    ? A UMS 2 O4    ? ? ? 1_555 A DA  7 N6 ? ? A UMS 2  A DA  7   7_555 ? ? ? ? ? ? WATSON-CRICK ?     ? ? 
hydrog6  hydrog ?    ? A DG  3 N1    ? ? ? 1_555 A DC  6 N3 ? ? A DG  3  A DC  6   7_555 ? ? ? ? ? ? WATSON-CRICK ?     ? ? 
hydrog7  hydrog ?    ? A DG  3 N2    ? ? ? 1_555 A DC  6 O2 ? ? A DG  3  A DC  6   7_555 ? ? ? ? ? ? WATSON-CRICK ?     ? ? 
hydrog8  hydrog ?    ? A DG  3 O6    ? ? ? 1_555 A DC  6 N4 ? ? A DG  3  A DC  6   7_555 ? ? ? ? ? ? WATSON-CRICK ?     ? ? 
hydrog9  hydrog ?    ? A T5O 4 N3    ? ? ? 1_555 A DA  5 N1 ? ? A T5O 4  A DA  5   7_555 ? ? ? ? ? ? WATSON-CRICK ?     ? ? 
hydrog10 hydrog ?    ? A T5O 4 O4    ? ? ? 1_555 A DA  5 N6 ? ? A T5O 4  A DA  5   7_555 ? ? ? ? ? ? WATSON-CRICK ?     ? ? 
hydrog11 hydrog ?    ? A DA  5 N1    ? ? ? 1_555 A T5O 4 N3 ? ? A DA  5  A T5O 4   7_555 ? ? ? ? ? ? WATSON-CRICK ?     ? ? 
hydrog12 hydrog ?    ? A DA  5 N6    ? ? ? 1_555 A T5O 4 O4 ? ? A DA  5  A T5O 4   7_555 ? ? ? ? ? ? WATSON-CRICK ?     ? ? 
hydrog13 hydrog ?    ? A DC  6 N3    ? ? ? 1_555 A DG  3 N1 ? ? A DC  6  A DG  3   7_555 ? ? ? ? ? ? WATSON-CRICK ?     ? ? 
hydrog14 hydrog ?    ? A DC  6 N4    ? ? ? 1_555 A DG  3 O6 ? ? A DC  6  A DG  3   7_555 ? ? ? ? ? ? WATSON-CRICK ?     ? ? 
hydrog15 hydrog ?    ? A DC  6 O2    ? ? ? 1_555 A DG  3 N2 ? ? A DC  6  A DG  3   7_555 ? ? ? ? ? ? WATSON-CRICK ?     ? ? 
hydrog16 hydrog ?    ? A DA  7 N1    ? ? ? 1_555 A UMS 2 N3 ? ? A DA  7  A UMS 2   7_555 ? ? ? ? ? ? WATSON-CRICK ?     ? ? 
hydrog17 hydrog ?    ? A DA  7 N6    ? ? ? 1_555 A UMS 2 O4 ? ? A DA  7  A UMS 2   7_555 ? ? ? ? ? ? WATSON-CRICK ?     ? ? 
hydrog18 hydrog ?    ? A DC  8 N3    ? ? ? 1_555 A DG  1 N1 ? ? A DC  8  A DG  1   7_555 ? ? ? ? ? ? WATSON-CRICK ?     ? ? 
hydrog19 hydrog ?    ? A DC  8 N4    ? ? ? 1_555 A DG  1 O6 ? ? A DC  8  A DG  1   7_555 ? ? ? ? ? ? WATSON-CRICK ?     ? ? 
hydrog20 hydrog ?    ? A DC  8 O2    ? ? ? 1_555 A DG  1 N2 ? ? A DC  8  A DG  1   7_555 ? ? ? ? ? ? WATSON-CRICK ?     ? ? 
# 
loop_
_struct_conn_type.id 
_struct_conn_type.criteria 
_struct_conn_type.reference 
covale ? ? 
metalc ? ? 
hydrog ? ? 
# 
_struct_site.id                   AC1 
_struct_site.pdbx_evidence_code   Software 
_struct_site.pdbx_auth_asym_id    A 
_struct_site.pdbx_auth_comp_id    MG 
_struct_site.pdbx_auth_seq_id     11 
_struct_site.pdbx_auth_ins_code   ? 
_struct_site.pdbx_num_residues    3 
_struct_site.details              'BINDING SITE FOR RESIDUE MG A 11' 
# 
loop_
_struct_site_gen.id 
_struct_site_gen.site_id 
_struct_site_gen.pdbx_num_res 
_struct_site_gen.label_comp_id 
_struct_site_gen.label_asym_id 
_struct_site_gen.label_seq_id 
_struct_site_gen.pdbx_auth_ins_code 
_struct_site_gen.auth_comp_id 
_struct_site_gen.auth_asym_id 
_struct_site_gen.auth_seq_id 
_struct_site_gen.label_atom_id 
_struct_site_gen.label_alt_id 
_struct_site_gen.symmetry 
_struct_site_gen.details 
1 AC1 3 UMS A 2 ? UMS A 2   . ? 1_555 ? 
2 AC1 3 DG  A 3 ? DG  A 3   . ? 1_555 ? 
3 AC1 3 HOH C . ? HOH A 120 . ? 1_555 ? 
# 
_atom_sites.entry_id                    3LTR 
_atom_sites.fract_transf_matrix[1][1]   -0.00902566 
_atom_sites.fract_transf_matrix[1][2]   0.01524371 
_atom_sites.fract_transf_matrix[1][3]   0.01507297 
_atom_sites.fract_transf_matrix[2][1]   -0.00108705 
_atom_sites.fract_transf_matrix[2][2]   -0.01665882 
_atom_sites.fract_transf_matrix[2][3]   0.01619660 
_atom_sites.fract_transf_matrix[3][1]   0.03863905 
_atom_sites.fract_transf_matrix[3][2]   0.01007110 
_atom_sites.fract_transf_matrix[3][3]   0.01295180 
_atom_sites.fract_transf_vector[1]      0.269975 
_atom_sites.fract_transf_vector[2]      0.290466 
_atom_sites.fract_transf_vector[3]      0.110663 
# 
loop_
_atom_type.symbol 
C  
MG 
N  
O  
P  
SE 
# 
loop_
_atom_site.group_PDB 
_atom_site.id 
_atom_site.type_symbol 
_atom_site.label_atom_id 
_atom_site.label_alt_id 
_atom_site.label_comp_id 
_atom_site.label_asym_id 
_atom_site.label_entity_id 
_atom_site.label_seq_id 
_atom_site.pdbx_PDB_ins_code 
_atom_site.Cartn_x 
_atom_site.Cartn_y 
_atom_site.Cartn_z 
_atom_site.occupancy 
_atom_site.B_iso_or_equiv 
_atom_site.pdbx_formal_charge 
_atom_site.auth_seq_id 
_atom_site.auth_comp_id 
_atom_site.auth_asym_id 
_atom_site.auth_atom_id 
_atom_site.pdbx_PDB_model_num 
ATOM   1   O  "O5'"  . DG  A 1 1 ? -8.550 -9.034  7.028   1.00 9.93  ? 1   DG  A "O5'"  1 
ATOM   2   C  "C5'"  . DG  A 1 1 ? -8.380 -9.919  8.120   1.00 8.29  ? 1   DG  A "C5'"  1 
ATOM   3   C  "C4'"  . DG  A 1 1 ? -7.281 -10.930 7.838   1.00 8.09  ? 1   DG  A "C4'"  1 
ATOM   4   O  "O4'"  . DG  A 1 1 ? -7.594 -11.735 6.668   1.00 7.48  ? 1   DG  A "O4'"  1 
ATOM   5   C  "C3'"  . DG  A 1 1 ? -5.902 -10.347 7.542   1.00 8.05  ? 1   DG  A "C3'"  1 
ATOM   6   O  "O3'"  . DG  A 1 1 ? -5.227 -9.993  8.757   1.00 8.29  ? 1   DG  A "O3'"  1 
ATOM   7   C  "C2'"  . DG  A 1 1 ? -5.252 -11.525 6.826   1.00 8.91  ? 1   DG  A "C2'"  1 
ATOM   8   C  "C1'"  . DG  A 1 1 ? -6.408 -12.018 5.958   1.00 8.63  ? 1   DG  A "C1'"  1 
ATOM   9   N  N9     . DG  A 1 1 ? -6.464 -11.328 4.671   1.00 8.08  ? 1   DG  A N9     1 
ATOM   10  C  C8     . DG  A 1 1 ? -7.286 -10.284 4.316   1.00 8.34  ? 1   DG  A C8     1 
ATOM   11  N  N7     . DG  A 1 1 ? -7.101 -9.873  3.096   1.00 8.34  ? 1   DG  A N7     1 
ATOM   12  C  C5     . DG  A 1 1 ? -6.082 -10.682 2.616   1.00 8.51  ? 1   DG  A C5     1 
ATOM   13  C  C6     . DG  A 1 1 ? -5.455 -10.708 1.349   1.00 9.12  ? 1   DG  A C6     1 
ATOM   14  O  O6     . DG  A 1 1 ? -5.691 -9.984  0.374   1.00 9.20  ? 1   DG  A O6     1 
ATOM   15  N  N1     . DG  A 1 1 ? -4.465 -11.688 1.261   1.00 8.43  ? 1   DG  A N1     1 
ATOM   16  C  C2     . DG  A 1 1 ? -4.138 -12.550 2.284   1.00 8.47  ? 1   DG  A C2     1 
ATOM   17  N  N2     . DG  A 1 1 ? -3.166 -13.442 2.039   1.00 9.34  ? 1   DG  A N2     1 
ATOM   18  N  N3     . DG  A 1 1 ? -4.721 -12.539 3.480   1.00 9.06  ? 1   DG  A N3     1 
ATOM   19  C  C4     . DG  A 1 1 ? -5.680 -11.586 3.574   1.00 8.41  ? 1   DG  A C4     1 
HETATM 20  P  P      . UMS A 1 2 ? -4.251 -8.725  8.807   1.00 9.37  ? 2   UMS A P      1 
HETATM 21  O  OP1    . UMS A 1 2 ? -3.862 -8.586  10.223  1.00 9.05  ? 2   UMS A OP1    1 
HETATM 22  O  OP2    . UMS A 1 2 ? -4.859 -7.589  8.088   1.00 9.70  ? 2   UMS A OP2    1 
HETATM 23  O  "O5'"  . UMS A 1 2 ? -2.980 -9.182  7.947   1.00 8.81  ? 2   UMS A "O5'"  1 
HETATM 24  C  "C5'"  . UMS A 1 2 ? -2.136 -10.206 8.427   1.00 9.14  ? 2   UMS A "C5'"  1 
HETATM 25  C  "C4'"  . UMS A 1 2 ? -1.136 -10.592 7.363   1.00 9.91  ? 2   UMS A "C4'"  1 
HETATM 26  O  "O4'"  . UMS A 1 2 ? -1.847 -11.078 6.192   1.00 8.68  ? 2   UMS A "O4'"  1 
HETATM 27  C  "C3'"  . UMS A 1 2 ? -0.253 -9.455  6.870   1.00 10.92 ? 2   UMS A "C3'"  1 
HETATM 28  O  "O3'"  . UMS A 1 2 ? 0.834  -9.311  7.787   1.00 13.28 ? 2   UMS A "O3'"  1 
HETATM 29  C  "C2'"  . UMS A 1 2 ? 0.163  -10.001 5.506   1.00 10.03 ? 2   UMS A "C2'"  1 
HETATM 30  SE "SE2'" . UMS A 1 2 ? 1.649  -11.295 5.655   0.90 13.07 ? 2   UMS A "SE2'" 1 
HETATM 31  C  "C1'"  . UMS A 1 2 ? -1.118 -10.709 5.040   1.00 8.91  ? 2   UMS A "C1'"  1 
HETATM 32  C  "CA'"  . UMS A 1 2 ? 2.156  -11.625 3.790   0.90 11.50 ? 2   UMS A "CA'"  1 
HETATM 33  N  N1     . UMS A 1 2 ? -1.972 -9.836  4.161   1.00 8.59  ? 2   UMS A N1     1 
HETATM 34  C  C2     . UMS A 1 2 ? -1.654 -9.742  2.819   1.00 8.06  ? 2   UMS A C2     1 
HETATM 35  O  O2     . UMS A 1 2 ? -0.723 -10.345 2.309   1.00 8.93  ? 2   UMS A O2     1 
HETATM 36  N  N3     . UMS A 1 2 ? -2.478 -8.918  2.085   1.00 8.00  ? 2   UMS A N3     1 
HETATM 37  C  C4     . UMS A 1 2 ? -3.562 -8.177  2.546   1.00 8.43  ? 2   UMS A C4     1 
HETATM 38  O  O4     . UMS A 1 2 ? -4.202 -7.479  1.760   1.00 9.02  ? 2   UMS A O4     1 
HETATM 39  C  C5     . UMS A 1 2 ? -3.829 -8.316  3.960   1.00 8.29  ? 2   UMS A C5     1 
HETATM 40  C  C6     . UMS A 1 2 ? -3.037 -9.119  4.695   1.00 8.32  ? 2   UMS A C6     1 
ATOM   41  P  P      . DG  A 1 3 ? 1.619  -7.933  7.988   1.00 15.86 ? 3   DG  A P      1 
ATOM   42  O  OP1    . DG  A 1 3 ? 2.536  -8.109  9.129   1.00 17.02 ? 3   DG  A OP1    1 
ATOM   43  O  OP2    . DG  A 1 3 ? 0.663  -6.821  7.951   1.00 15.67 ? 3   DG  A OP2    1 
ATOM   44  O  "O5'"  . DG  A 1 3 ? 2.482  -7.903  6.642   1.00 15.02 ? 3   DG  A "O5'"  1 
ATOM   45  C  "C5'"  . DG  A 1 3 ? 2.459  -6.818  5.770   1.00 13.99 ? 3   DG  A "C5'"  1 
ATOM   46  C  "C4'"  . DG  A 1 3 ? 3.082  -7.263  4.467   1.00 13.16 ? 3   DG  A "C4'"  1 
ATOM   47  O  "O4'"  . DG  A 1 3 ? 2.130  -8.084  3.742   1.00 12.03 ? 3   DG  A "O4'"  1 
ATOM   48  C  "C3'"  . DG  A 1 3 ? 3.409  -6.101  3.551   1.00 12.80 ? 3   DG  A "C3'"  1 
ATOM   49  O  "O3'"  . DG  A 1 3 ? 4.734  -5.636  3.823   1.00 13.31 ? 3   DG  A "O3'"  1 
ATOM   50  C  "C2'"  . DG  A 1 3 ? 3.241  -6.744  2.178   1.00 11.86 ? 3   DG  A "C2'"  1 
ATOM   51  C  "C1'"  . DG  A 1 3 ? 2.017  -7.631  2.406   1.00 10.60 ? 3   DG  A "C1'"  1 
ATOM   52  N  N9     . DG  A 1 3 ? 0.739  -6.938  2.202   1.00 10.15 ? 3   DG  A N9     1 
ATOM   53  C  C8     . DG  A 1 3 ? -0.203 -6.561  3.131   1.00 9.99  ? 3   DG  A C8     1 
ATOM   54  N  N7     . DG  A 1 3 ? -1.236 -5.952  2.616   1.00 9.73  ? 3   DG  A N7     1 
ATOM   55  C  C5     . DG  A 1 3 ? -0.964 -5.924  1.254   1.00 9.15  ? 3   DG  A C5     1 
ATOM   56  C  C6     . DG  A 1 3 ? -1.713 -5.399  0.173   1.00 9.38  ? 3   DG  A C6     1 
ATOM   57  O  O6     . DG  A 1 3 ? -2.805 -4.830  0.216   1.00 9.37  ? 3   DG  A O6     1 
ATOM   58  N  N1     . DG  A 1 3 ? -1.080 -5.577  -1.057  1.00 8.96  ? 3   DG  A N1     1 
ATOM   59  C  C2     . DG  A 1 3 ? 0.132  -6.194  -1.222  1.00 9.30  ? 3   DG  A C2     1 
ATOM   60  N  N2     . DG  A 1 3 ? 0.592  -6.287  -2.474  1.00 9.41  ? 3   DG  A N2     1 
ATOM   61  N  N3     . DG  A 1 3 ? 0.846  -6.695  -0.220  1.00 9.25  ? 3   DG  A N3     1 
ATOM   62  C  C4     . DG  A 1 3 ? 0.240  -6.529  0.986   1.00 9.24  ? 3   DG  A C4     1 
HETATM 63  P  P      . T5O A 1 4 ? 5.147  -4.108  3.586   1.00 13.62 ? 4   T5O A P      1 
HETATM 64  N  N1     . T5O A 1 4 ? 2.188  -3.356  -1.019  1.00 9.55  ? 4   T5O A N1     1 
HETATM 65  C  C2     . T5O A 1 4 ? 1.254  -2.886  -1.923  1.00 8.96  ? 4   T5O A C2     1 
HETATM 66  O  O2     . T5O A 1 4 ? 1.418  -2.909  -3.128  1.00 9.62  ? 4   T5O A O2     1 
HETATM 67  N  N3     . T5O A 1 4 ? 0.108  -2.389  -1.364  1.00 8.52  ? 4   T5O A N3     1 
HETATM 68  C  C4     . T5O A 1 4 ? -0.180 -2.297  -0.016  1.00 9.42  ? 4   T5O A C4     1 
HETATM 69  O  O4     . T5O A 1 4 ? -1.235 -1.824  0.400   1.00 9.76  ? 4   T5O A O4     1 
HETATM 70  C  C5     . T5O A 1 4 ? 0.833  -2.792  0.885   1.00 10.14 ? 4   T5O A C5     1 
HETATM 71  O  O5     . T5O A 1 4 ? 0.531  -2.703  2.277   1.00 12.09 ? 4   T5O A O5     1 
HETATM 72  C  C6     . T5O A 1 4 ? 1.962  -3.294  0.352   1.00 9.90  ? 4   T5O A C6     1 
HETATM 73  C  "C1'"  . T5O A 1 4 ? 3.468  -3.934  -1.570  1.00 9.86  ? 4   T5O A "C1'"  1 
HETATM 74  C  "C2'"  . T5O A 1 4 ? 4.504  -2.879  -1.949  1.00 9.62  ? 4   T5O A "C2'"  1 
HETATM 75  O  OP2    . T5O A 1 4 ? 4.214  -3.203  4.264   1.00 13.85 ? 4   T5O A OP2    1 
HETATM 76  C  "C3'"  . T5O A 1 4 ? 5.383  -2.870  -0.703  1.00 9.38  ? 4   T5O A "C3'"  1 
HETATM 77  O  "O3'"  . T5O A 1 4 ? 6.709  -2.430  -0.964  1.00 9.35  ? 4   T5O A "O3'"  1 
HETATM 78  C  "C4'"  . T5O A 1 4 ? 5.409  -4.350  -0.346  1.00 10.09 ? 4   T5O A "C4'"  1 
HETATM 79  O  "O4'"  . T5O A 1 4 ? 4.059  -4.803  -0.615  1.00 10.71 ? 4   T5O A "O4'"  1 
HETATM 80  C  "C5'"  . T5O A 1 4 ? 5.794  -4.665  1.090   1.00 11.25 ? 4   T5O A "C5'"  1 
HETATM 81  O  "O5'"  . T5O A 1 4 ? 4.961  -3.949  2.005   1.00 12.36 ? 4   T5O A "O5'"  1 
HETATM 82  C  C7     . T5O A 1 4 ? 1.469  -3.375  3.110   1.00 13.86 ? 4   T5O A C7     1 
HETATM 83  O  OP1    . T5O A 1 4 ? 6.587  -3.983  3.902   1.00 15.35 ? 4   T5O A OP1    1 
ATOM   84  P  P      . DA  A 1 5 ? 7.086  -0.880  -0.915  1.00 11.16 ? 5   DA  A P      1 
ATOM   85  O  OP1    . DA  A 1 5 ? 8.557  -0.860  -0.821  1.00 12.29 ? 5   DA  A OP1    1 
ATOM   86  O  OP2    . DA  A 1 5 ? 6.276  -0.193  0.106   1.00 12.20 ? 5   DA  A OP2    1 
ATOM   87  O  "O5'"  . DA  A 1 5 ? 6.643  -0.368  -2.368  1.00 8.59  ? 5   DA  A "O5'"  1 
ATOM   88  C  "C5'"  . DA  A 1 5 ? 6.064  0.901   -2.595  1.00 7.29  ? 5   DA  A "C5'"  1 
ATOM   89  C  "C4'"  . DA  A 1 5 ? 5.276  0.853   -3.885  1.00 7.09  ? 5   DA  A "C4'"  1 
ATOM   90  O  "O4'"  . DA  A 1 5 ? 4.195  -0.102  -3.758  1.00 7.95  ? 5   DA  A "O4'"  1 
ATOM   91  C  "C3'"  . DA  A 1 5 ? 4.610  2.170   -4.241  1.00 6.84  ? 5   DA  A "C3'"  1 
ATOM   92  O  "O3'"  . DA  A 1 5 ? 5.496  2.949   -5.020  1.00 7.21  ? 5   DA  A "O3'"  1 
ATOM   93  C  "C2'"  . DA  A 1 5 ? 3.388  1.723   -5.033  1.00 6.87  ? 5   DA  A "C2'"  1 
ATOM   94  C  "C1'"  . DA  A 1 5 ? 3.001  0.474   -4.258  1.00 6.97  ? 5   DA  A "C1'"  1 
ATOM   95  N  N9     . DA  A 1 5 ? 2.072  0.674   -3.144  1.00 6.74  ? 5   DA  A N9     1 
ATOM   96  C  C8     . DA  A 1 5 ? 2.318  0.466   -1.816  1.00 7.53  ? 5   DA  A C8     1 
ATOM   97  N  N7     . DA  A 1 5 ? 1.281  0.695   -1.046  1.00 7.50  ? 5   DA  A N7     1 
ATOM   98  C  C5     . DA  A 1 5 ? 0.283  1.069   -1.926  1.00 7.10  ? 5   DA  A C5     1 
ATOM   99  C  C6     . DA  A 1 5 ? -1.068 1.435   -1.738  1.00 6.89  ? 5   DA  A C6     1 
ATOM   100 N  N6     . DA  A 1 5 ? -1.658 1.474   -0.538  1.00 7.26  ? 5   DA  A N6     1 
ATOM   101 N  N1     . DA  A 1 5 ? -1.793 1.743   -2.838  1.00 6.18  ? 5   DA  A N1     1 
ATOM   102 C  C2     . DA  A 1 5 ? -1.207 1.701   -4.040  1.00 7.11  ? 5   DA  A C2     1 
ATOM   103 N  N3     . DA  A 1 5 ? 0.055  1.373   -4.332  1.00 6.58  ? 5   DA  A N3     1 
ATOM   104 C  C4     . DA  A 1 5 ? 0.751  1.065   -3.230  1.00 6.34  ? 5   DA  A C4     1 
ATOM   105 P  P      . DC  A 1 6 ? 5.541  4.531   -4.854  1.00 8.10  ? 6   DC  A P      1 
ATOM   106 O  OP1    . DC  A 1 6 ? 6.553  5.033   -5.800  1.00 9.42  ? 6   DC  A OP1    1 
ATOM   107 O  OP2    . DC  A 1 6 ? 5.625  4.848   -3.414  1.00 8.62  ? 6   DC  A OP2    1 
ATOM   108 O  "O5'"  . DC  A 1 6 ? 4.103  4.986   -5.357  1.00 7.74  ? 6   DC  A "O5'"  1 
ATOM   109 C  "C5'"  . DC  A 1 6 ? 3.799  4.936   -6.741  1.00 7.92  ? 6   DC  A "C5'"  1 
ATOM   110 C  "C4'"  . DC  A 1 6 ? 2.343  5.285   -6.969  1.00 8.59  ? 6   DC  A "C4'"  1 
ATOM   111 O  "O4'"  . DC  A 1 6 ? 1.480  4.352   -6.279  1.00 8.23  ? 6   DC  A "O4'"  1 
ATOM   112 C  "C3'"  . DC  A 1 6 ? 1.936  6.631   -6.398  1.00 8.87  ? 6   DC  A "C3'"  1 
ATOM   113 O  "O3'"  . DC  A 1 6 ? 2.390  7.670   -7.248  1.00 9.75  ? 6   DC  A "O3'"  1 
ATOM   114 C  "C2'"  . DC  A 1 6 ? 0.422  6.478   -6.367  1.00 8.24  ? 6   DC  A "C2'"  1 
ATOM   115 C  "C1'"  . DC  A 1 6 ? 0.312  5.048   -5.853  1.00 7.93  ? 6   DC  A "C1'"  1 
ATOM   116 N  N1     . DC  A 1 6 ? 0.192  4.931   -4.362  1.00 6.18  ? 6   DC  A N1     1 
ATOM   117 C  C2     . DC  A 1 6 ? -1.056 5.185   -3.772  1.00 6.71  ? 6   DC  A C2     1 
ATOM   118 O  O2     . DC  A 1 6 ? -2.000 5.526   -4.503  1.00 7.58  ? 6   DC  A O2     1 
ATOM   119 N  N3     . DC  A 1 6 ? -1.180 5.057   -2.429  1.00 6.41  ? 6   DC  A N3     1 
ATOM   120 C  C4     . DC  A 1 6 ? -0.136 4.707   -1.672  1.00 6.59  ? 6   DC  A C4     1 
ATOM   121 N  N4     . DC  A 1 6 ? -0.327 4.600   -0.356  1.00 7.44  ? 6   DC  A N4     1 
ATOM   122 C  C5     . DC  A 1 6 ? 1.146  4.439   -2.244  1.00 6.26  ? 6   DC  A C5     1 
ATOM   123 C  C6     . DC  A 1 6 ? 1.259  4.563   -3.575  1.00 5.93  ? 6   DC  A C6     1 
ATOM   124 P  P      . DA  A 1 7 ? 2.678  9.131   -6.669  1.00 10.31 ? 7   DA  A P      1 
ATOM   125 O  OP1    . DA  A 1 7 ? 3.351  9.882   -7.762  1.00 11.31 ? 7   DA  A OP1    1 
ATOM   126 O  OP2    . DA  A 1 7 ? 3.269  9.041   -5.313  1.00 9.74  ? 7   DA  A OP2    1 
ATOM   127 O  "O5'"  . DA  A 1 7 ? 1.197  9.702   -6.483  1.00 9.28  ? 7   DA  A "O5'"  1 
ATOM   128 C  "C5'"  . DA  A 1 7 ? 0.342  9.947   -7.604  1.00 10.37 ? 7   DA  A "C5'"  1 
ATOM   129 C  "C4'"  . DA  A 1 7 ? -0.998 10.461  -7.111  1.00 8.76  ? 7   DA  A "C4'"  1 
ATOM   130 O  "O4'"  . DA  A 1 7 ? -1.632 9.457   -6.284  1.00 9.14  ? 7   DA  A "O4'"  1 
ATOM   131 C  "C3'"  . DA  A 1 7 ? -0.906 11.686  -6.211  1.00 9.04  ? 7   DA  A "C3'"  1 
ATOM   132 O  "O3'"  . DA  A 1 7 ? -0.879 12.842  -7.016  1.00 9.04  ? 7   DA  A "O3'"  1 
ATOM   133 C  "C2'"  . DA  A 1 7 ? -2.168 11.601  -5.365  1.00 8.66  ? 7   DA  A "C2'"  1 
ATOM   134 C  "C1'"  . DA  A 1 7 ? -2.308 10.097  -5.218  1.00 7.42  ? 7   DA  A "C1'"  1 
ATOM   135 N  N9     . DA  A 1 7 ? -1.804 9.492   -3.991  1.00 6.62  ? 7   DA  A N9     1 
ATOM   136 C  C8     . DA  A 1 7 ? -0.579 8.904   -3.796  1.00 6.07  ? 7   DA  A C8     1 
ATOM   137 N  N7     . DA  A 1 7 ? -0.440 8.399   -2.592  1.00 6.16  ? 7   DA  A N7     1 
ATOM   138 C  C5     . DA  A 1 7 ? -1.653 8.667   -1.960  1.00 5.63  ? 7   DA  A C5     1 
ATOM   139 C  C6     . DA  A 1 7 ? -2.150 8.381   -0.670  1.00 6.73  ? 7   DA  A C6     1 
ATOM   140 N  N6     . DA  A 1 7 ? -1.446 7.727   0.264   1.00 5.69  ? 7   DA  A N6     1 
ATOM   141 N  N1     . DA  A 1 7 ? -3.407 8.795   -0.379  1.00 6.44  ? 7   DA  A N1     1 
ATOM   142 C  C2     . DA  A 1 7 ? -4.121 9.444   -1.309  1.00 6.88  ? 7   DA  A C2     1 
ATOM   143 N  N3     . DA  A 1 7 ? -3.765 9.757   -2.557  1.00 6.91  ? 7   DA  A N3     1 
ATOM   144 C  C4     . DA  A 1 7 ? -2.511 9.337   -2.819  1.00 6.29  ? 7   DA  A C4     1 
ATOM   145 P  P      . DC  A 1 8 ? -0.151 14.165  -6.484  1.00 11.00 ? 8   DC  A P      1 
ATOM   146 O  OP1    . DC  A 1 8 ? -0.171 15.157  -7.585  1.00 11.06 ? 8   DC  A OP1    1 
ATOM   147 O  OP2    . DC  A 1 8 ? 1.158  13.800  -5.902  1.00 12.34 ? 8   DC  A OP2    1 
ATOM   148 O  "O5'"  . DC  A 1 8 ? -1.106 14.674  -5.312  1.00 9.57  ? 8   DC  A "O5'"  1 
ATOM   149 C  "C5'"  . DC  A 1 8 ? -2.396 15.173  -5.629  1.00 9.10  ? 8   DC  A "C5'"  1 
ATOM   150 C  "C4'"  . DC  A 1 8 ? -3.132 15.547  -4.364  1.00 8.71  ? 8   DC  A "C4'"  1 
ATOM   151 O  "O4'"  . DC  A 1 8 ? -3.170 14.381  -3.503  1.00 8.67  ? 8   DC  A "O4'"  1 
ATOM   152 C  "C3'"  . DC  A 1 8 ? -2.487 16.675  -3.559  1.00 9.51  ? 8   DC  A "C3'"  1 
ATOM   153 O  "O3'"  . DC  A 1 8 ? -3.462 17.620  -3.147  1.00 11.59 ? 8   DC  A "O3'"  1 
ATOM   154 C  "C2'"  . DC  A 1 8 ? -1.895 15.969  -2.340  1.00 9.81  ? 8   DC  A "C2'"  1 
ATOM   155 C  "C1'"  . DC  A 1 8 ? -2.784 14.733  -2.196  1.00 7.99  ? 8   DC  A "C1'"  1 
ATOM   156 N  N1     . DC  A 1 8 ? -2.050 13.597  -1.560  1.00 7.51  ? 8   DC  A N1     1 
ATOM   157 C  C2     . DC  A 1 8 ? -2.538 12.996  -0.386  1.00 6.91  ? 8   DC  A C2     1 
ATOM   158 O  O2     . DC  A 1 8 ? -3.596 13.392  0.120   1.00 7.83  ? 8   DC  A O2     1 
ATOM   159 N  N3     . DC  A 1 8 ? -1.823 11.982  0.173   1.00 6.59  ? 8   DC  A N3     1 
ATOM   160 C  C4     . DC  A 1 8 ? -0.676 11.564  -0.379  1.00 5.93  ? 8   DC  A C4     1 
ATOM   161 N  N4     . DC  A 1 8 ? -0.008 10.578  0.222   1.00 6.57  ? 8   DC  A N4     1 
ATOM   162 C  C5     . DC  A 1 8 ? -0.168 12.151  -1.582  1.00 6.59  ? 8   DC  A C5     1 
ATOM   163 C  C6     . DC  A 1 8 ? -0.879 13.150  -2.126  1.00 7.02  ? 8   DC  A C6     1 
HETATM 164 MG MG     . MG  B 2 . ? -5.052 -4.731  2.088   1.00 17.37 ? 11  MG  A MG     1 
HETATM 165 O  O      . HOH C 3 . ? 0.736  0.819   -7.017  1.00 13.74 ? 101 HOH A O      1 
HETATM 166 O  O      . HOH C 3 . ? -5.068 12.063  -3.780  1.00 16.81 ? 102 HOH A O      1 
HETATM 167 O  O      . HOH C 3 . ? -2.380 15.439  -9.095  1.00 17.01 ? 103 HOH A O      1 
HETATM 168 O  O      . HOH C 3 . ? 0.176  -12.480 0.958   1.00 18.79 ? 104 HOH A O      1 
HETATM 169 O  O      . HOH C 3 . ? -1.742 -1.056  3.110   1.00 21.38 ? 105 HOH A O      1 
HETATM 170 O  O      . HOH C 3 . ? 2.434  2.026   -8.938  1.00 15.86 ? 106 HOH A O      1 
HETATM 171 O  O      . HOH C 3 . ? 3.235  -7.886  -0.884  1.00 21.42 ? 107 HOH A O      1 
HETATM 172 O  O      . HOH C 3 . ? -1.678 -7.838  11.546  1.00 30.39 ? 108 HOH A O      1 
HETATM 173 O  O      . HOH C 3 . ? -5.861 -7.734  12.009  1.00 19.36 ? 109 HOH A O      1 
HETATM 174 O  O      . HOH C 3 . ? 2.481  -11.322 -0.232  1.00 20.39 ? 110 HOH A O      1 
HETATM 175 O  O      . HOH C 3 . ? 6.392  10.452  -4.380  1.00 50.43 ? 111 HOH A O      1 
HETATM 176 O  O      . HOH C 3 . ? 1.464  4.352   -10.302 1.00 20.77 ? 112 HOH A O      1 
HETATM 177 O  O      . HOH C 3 . ? 6.107  -7.600  -0.861  1.00 23.72 ? 113 HOH A O      1 
HETATM 178 O  O      . HOH C 3 . ? -4.489 18.091  -6.030  1.00 23.89 ? 114 HOH A O      1 
HETATM 179 O  O      . HOH C 3 . ? 7.597  -8.201  1.280   1.00 33.61 ? 115 HOH A O      1 
HETATM 180 O  O      . HOH C 3 . ? -3.323 -5.735  6.769   1.00 25.48 ? 116 HOH A O      1 
HETATM 181 O  O      . HOH C 3 . ? -8.556 -7.685  2.529   1.00 31.98 ? 117 HOH A O      1 
HETATM 182 O  O      . HOH C 3 . ? -5.551 16.751  -0.963  1.00 27.99 ? 118 HOH A O      1 
HETATM 183 O  O      . HOH C 3 . ? 3.085  10.775  -3.324  1.00 26.80 ? 119 HOH A O      1 
HETATM 184 O  O      . HOH C 3 . ? -3.366 -4.920  4.099   1.00 23.13 ? 120 HOH A O      1 
HETATM 185 O  O      . HOH C 3 . ? 1.994  3.977   1.377   1.00 28.81 ? 121 HOH A O      1 
HETATM 186 O  O      . HOH C 3 . ? -7.360 -6.735  7.659   1.00 27.37 ? 122 HOH A O      1 
HETATM 187 O  O      . HOH C 3 . ? 6.815  3.972   -8.544  1.00 25.97 ? 123 HOH A O      1 
HETATM 188 O  O      . HOH C 3 . ? -9.587 -6.793  10.027  1.00 39.00 ? 124 HOH A O      1 
HETATM 189 O  O      . HOH C 3 . ? -7.305 -8.004  -0.109  1.00 26.65 ? 125 HOH A O      1 
HETATM 190 O  O      . HOH C 3 . ? 3.996  0.345   1.029   1.00 39.08 ? 126 HOH A O      1 
HETATM 191 O  O      . HOH C 3 . ? -1.242 1.535   2.469   1.00 38.94 ? 127 HOH A O      1 
HETATM 192 O  O      . HOH C 3 . ? 4.424  3.749   -0.855  1.00 33.24 ? 128 HOH A O      1 
HETATM 193 O  O      . HOH C 3 . ? 4.215  6.349   -1.719  1.00 36.14 ? 129 HOH A O      1 
HETATM 194 O  O      . HOH C 3 . ? 1.578  7.085   0.864   1.00 25.94 ? 130 HOH A O      1 
HETATM 195 O  O      . HOH C 3 . ? 1.923  7.622   -1.491  1.00 25.35 ? 131 HOH A O      1 
HETATM 196 O  O      . HOH C 3 . ? 2.598  -3.217  6.450   1.00 30.67 ? 132 HOH A O      1 
HETATM 197 O  O      . HOH C 3 . ? 1.285  1.142   1.622   1.00 28.26 ? 133 HOH A O      1 
HETATM 198 O  O      . HOH C 3 . ? 1.820  -9.955  11.041  1.00 27.77 ? 134 HOH A O      1 
HETATM 199 O  O      . HOH C 3 . ? 3.317  12.782  -7.530  1.00 41.50 ? 135 HOH A O      1 
HETATM 200 O  O      . HOH C 3 . ? 8.179  4.251   -2.281  1.00 30.74 ? 136 HOH A O      1 
HETATM 201 O  O      . HOH C 3 . ? 0.215  -3.636  6.371   1.00 31.29 ? 137 HOH A O      1 
HETATM 202 O  O      . HOH C 3 . ? -0.858 -6.039  6.383   1.00 28.09 ? 138 HOH A O      1 
HETATM 203 O  O      . HOH C 3 . ? 7.106  8.899   -2.211  1.00 34.84 ? 139 HOH A O      1 
HETATM 204 O  O      . HOH C 3 . ? 4.016  -0.463  3.539   1.00 32.26 ? 140 HOH A O      1 
HETATM 205 O  O      . HOH C 3 . ? 6.126  2.423   0.621   1.00 40.58 ? 141 HOH A O      1 
HETATM 206 O  O      . HOH C 3 . ? 3.781  15.291  -6.637  1.00 38.94 ? 142 HOH A O      1 
# 
loop_
_pdbx_poly_seq_scheme.asym_id 
_pdbx_poly_seq_scheme.entity_id 
_pdbx_poly_seq_scheme.seq_id 
_pdbx_poly_seq_scheme.mon_id 
_pdbx_poly_seq_scheme.ndb_seq_num 
_pdbx_poly_seq_scheme.pdb_seq_num 
_pdbx_poly_seq_scheme.auth_seq_num 
_pdbx_poly_seq_scheme.pdb_mon_id 
_pdbx_poly_seq_scheme.auth_mon_id 
_pdbx_poly_seq_scheme.pdb_strand_id 
_pdbx_poly_seq_scheme.pdb_ins_code 
_pdbx_poly_seq_scheme.hetero 
A 1 1 DG  1 1 1 DG  G   A . n 
A 1 2 UMS 2 2 2 UMS UMS A . n 
A 1 3 DG  3 3 3 DG  G   A . n 
A 1 4 T5O 4 4 4 T5O T5O A . n 
A 1 5 DA  5 5 5 DA  A   A . n 
A 1 6 DC  6 6 6 DC  C   A . n 
A 1 7 DA  7 7 7 DA  A   A . n 
A 1 8 DC  8 8 8 DC  C   A . n 
# 
loop_
_pdbx_nonpoly_scheme.asym_id 
_pdbx_nonpoly_scheme.entity_id 
_pdbx_nonpoly_scheme.mon_id 
_pdbx_nonpoly_scheme.ndb_seq_num 
_pdbx_nonpoly_scheme.pdb_seq_num 
_pdbx_nonpoly_scheme.auth_seq_num 
_pdbx_nonpoly_scheme.pdb_mon_id 
_pdbx_nonpoly_scheme.auth_mon_id 
_pdbx_nonpoly_scheme.pdb_strand_id 
_pdbx_nonpoly_scheme.pdb_ins_code 
B 2 MG  1  11  11  MG  MG  A . 
C 3 HOH 1  101 101 HOH HOH A . 
C 3 HOH 2  102 102 HOH HOH A . 
C 3 HOH 3  103 103 HOH HOH A . 
C 3 HOH 4  104 104 HOH HOH A . 
C 3 HOH 5  105 105 HOH HOH A . 
C 3 HOH 6  106 106 HOH HOH A . 
C 3 HOH 7  107 107 HOH HOH A . 
C 3 HOH 8  108 108 HOH HOH A . 
C 3 HOH 9  109 109 HOH HOH A . 
C 3 HOH 10 110 110 HOH HOH A . 
C 3 HOH 11 111 111 HOH HOH A . 
C 3 HOH 12 112 112 HOH HOH A . 
C 3 HOH 13 113 113 HOH HOH A . 
C 3 HOH 14 114 114 HOH HOH A . 
C 3 HOH 15 115 115 HOH HOH A . 
C 3 HOH 16 116 116 HOH HOH A . 
C 3 HOH 17 117 117 HOH HOH A . 
C 3 HOH 18 118 118 HOH HOH A . 
C 3 HOH 19 119 119 HOH HOH A . 
C 3 HOH 20 120 120 HOH HOH A . 
C 3 HOH 21 121 121 HOH HOH A . 
C 3 HOH 22 122 122 HOH HOH A . 
C 3 HOH 23 123 123 HOH HOH A . 
C 3 HOH 24 124 124 HOH HOH A . 
C 3 HOH 25 125 125 HOH HOH A . 
C 3 HOH 26 126 126 HOH HOH A . 
C 3 HOH 27 127 127 HOH HOH A . 
C 3 HOH 28 128 128 HOH HOH A . 
C 3 HOH 29 129 129 HOH HOH A . 
C 3 HOH 30 130 130 HOH HOH A . 
C 3 HOH 31 131 131 HOH HOH A . 
C 3 HOH 32 132 132 HOH HOH A . 
C 3 HOH 33 133 133 HOH HOH A . 
C 3 HOH 34 134 134 HOH HOH A . 
C 3 HOH 35 135 135 HOH HOH A . 
C 3 HOH 36 136 136 HOH HOH A . 
C 3 HOH 37 137 137 HOH HOH A . 
C 3 HOH 38 138 138 HOH HOH A . 
C 3 HOH 39 139 139 HOH HOH A . 
C 3 HOH 40 140 140 HOH HOH A . 
C 3 HOH 41 141 141 HOH HOH A . 
C 3 HOH 42 142 142 HOH HOH A . 
# 
loop_
_pdbx_struct_mod_residue.id 
_pdbx_struct_mod_residue.label_asym_id 
_pdbx_struct_mod_residue.label_comp_id 
_pdbx_struct_mod_residue.label_seq_id 
_pdbx_struct_mod_residue.auth_asym_id 
_pdbx_struct_mod_residue.auth_comp_id 
_pdbx_struct_mod_residue.auth_seq_id 
_pdbx_struct_mod_residue.PDB_ins_code 
_pdbx_struct_mod_residue.parent_comp_id 
_pdbx_struct_mod_residue.details 
1 A UMS 2 A UMS 2 ? DU ? 
2 A T5O 4 A T5O 4 ? DU ? 
# 
_pdbx_struct_assembly.id                   1 
_pdbx_struct_assembly.details              author_and_software_defined_assembly 
_pdbx_struct_assembly.method_details       PISA 
_pdbx_struct_assembly.oligomeric_details   dimeric 
_pdbx_struct_assembly.oligomeric_count     2 
# 
_pdbx_struct_assembly_gen.assembly_id       1 
_pdbx_struct_assembly_gen.oper_expression   1,2 
_pdbx_struct_assembly_gen.asym_id_list      A,B,C 
# 
loop_
_pdbx_struct_assembly_prop.biol_id 
_pdbx_struct_assembly_prop.type 
_pdbx_struct_assembly_prop.value 
_pdbx_struct_assembly_prop.details 
1 'ABSA (A^2)' 2250 ? 
1 MORE         -11  ? 
1 'SSA (A^2)'  2810 ? 
# 
loop_
_pdbx_struct_oper_list.id 
_pdbx_struct_oper_list.type 
_pdbx_struct_oper_list.name 
_pdbx_struct_oper_list.symmetry_operation 
_pdbx_struct_oper_list.matrix[1][1] 
_pdbx_struct_oper_list.matrix[1][2] 
_pdbx_struct_oper_list.matrix[1][3] 
_pdbx_struct_oper_list.vector[1] 
_pdbx_struct_oper_list.matrix[2][1] 
_pdbx_struct_oper_list.matrix[2][2] 
_pdbx_struct_oper_list.matrix[2][3] 
_pdbx_struct_oper_list.vector[2] 
_pdbx_struct_oper_list.matrix[3][1] 
_pdbx_struct_oper_list.matrix[3][2] 
_pdbx_struct_oper_list.matrix[3][3] 
_pdbx_struct_oper_list.vector[3] 
1 'identity operation'         1_555 x,y,z  1.0000000000  0.0000000000 0.0000000000  0.0000000000  0.0000000000 1.0000000000  0.0000000000  0.0000000000  0.0000000000  0.0000000000  1.0000000000 0.0000000000  
2 'crystal symmetry operation' 7_555 y,x,-z -0.8109766608 0.0264507415 -0.5844802939 -5.1537328810 0.0264507415 -0.9962986490 -0.0817885095 -0.0566504005 -0.5844802939 -0.0817885095 0.8072753098 -1.6693022056 
# 
loop_
_pdbx_struct_conn_angle.id 
_pdbx_struct_conn_angle.ptnr1_label_atom_id 
_pdbx_struct_conn_angle.ptnr1_label_alt_id 
_pdbx_struct_conn_angle.ptnr1_label_asym_id 
_pdbx_struct_conn_angle.ptnr1_label_comp_id 
_pdbx_struct_conn_angle.ptnr1_label_seq_id 
_pdbx_struct_conn_angle.ptnr1_auth_atom_id 
_pdbx_struct_conn_angle.ptnr1_auth_asym_id 
_pdbx_struct_conn_angle.ptnr1_auth_comp_id 
_pdbx_struct_conn_angle.ptnr1_auth_seq_id 
_pdbx_struct_conn_angle.ptnr1_PDB_ins_code 
_pdbx_struct_conn_angle.ptnr1_symmetry 
_pdbx_struct_conn_angle.ptnr2_label_atom_id 
_pdbx_struct_conn_angle.ptnr2_label_alt_id 
_pdbx_struct_conn_angle.ptnr2_label_asym_id 
_pdbx_struct_conn_angle.ptnr2_label_comp_id 
_pdbx_struct_conn_angle.ptnr2_label_seq_id 
_pdbx_struct_conn_angle.ptnr2_auth_atom_id 
_pdbx_struct_conn_angle.ptnr2_auth_asym_id 
_pdbx_struct_conn_angle.ptnr2_auth_comp_id 
_pdbx_struct_conn_angle.ptnr2_auth_seq_id 
_pdbx_struct_conn_angle.ptnr2_PDB_ins_code 
_pdbx_struct_conn_angle.ptnr2_symmetry 
_pdbx_struct_conn_angle.ptnr3_label_atom_id 
_pdbx_struct_conn_angle.ptnr3_label_alt_id 
_pdbx_struct_conn_angle.ptnr3_label_asym_id 
_pdbx_struct_conn_angle.ptnr3_label_comp_id 
_pdbx_struct_conn_angle.ptnr3_label_seq_id 
_pdbx_struct_conn_angle.ptnr3_auth_atom_id 
_pdbx_struct_conn_angle.ptnr3_auth_asym_id 
_pdbx_struct_conn_angle.ptnr3_auth_comp_id 
_pdbx_struct_conn_angle.ptnr3_auth_seq_id 
_pdbx_struct_conn_angle.ptnr3_PDB_ins_code 
_pdbx_struct_conn_angle.ptnr3_symmetry 
_pdbx_struct_conn_angle.value 
_pdbx_struct_conn_angle.value_esd 
1 O4 ? A UMS 2 ? A UMS 2 ? 1_555 MG ? B MG . ? A MG 11 ? 1_555 O6 ? A DG  3 ? A DG  3   ? 1_555 70.7 ? 
2 O4 ? A UMS 2 ? A UMS 2 ? 1_555 MG ? B MG . ? A MG 11 ? 1_555 O  ? C HOH . ? A HOH 120 ? 1_555 80.2 ? 
3 O6 ? A DG  3 ? A DG  3 ? 1_555 MG ? B MG . ? A MG 11 ? 1_555 O  ? C HOH . ? A HOH 120 ? 1_555 89.7 ? 
# 
loop_
_pdbx_audit_revision_history.ordinal 
_pdbx_audit_revision_history.data_content_type 
_pdbx_audit_revision_history.major_revision 
_pdbx_audit_revision_history.minor_revision 
_pdbx_audit_revision_history.revision_date 
1 'Structure model' 1 0 2010-03-09 
2 'Structure model' 1 1 2011-07-13 
3 'Structure model' 1 2 2012-06-13 
4 'Structure model' 1 3 2012-09-26 
5 'Structure model' 1 4 2023-09-06 
# 
_pdbx_audit_revision_details.ordinal             1 
_pdbx_audit_revision_details.revision_ordinal    1 
_pdbx_audit_revision_details.data_content_type   'Structure model' 
_pdbx_audit_revision_details.provider            repository 
_pdbx_audit_revision_details.type                'Initial release' 
_pdbx_audit_revision_details.description         ? 
_pdbx_audit_revision_details.details             ? 
# 
loop_
_pdbx_audit_revision_group.ordinal 
_pdbx_audit_revision_group.revision_ordinal 
_pdbx_audit_revision_group.data_content_type 
_pdbx_audit_revision_group.group 
1 2 'Structure model' Advisory                    
2 2 'Structure model' 'Version format compliance' 
3 3 'Structure model' 'Database references'       
4 4 'Structure model' 'Database references'       
5 5 'Structure model' 'Data collection'           
6 5 'Structure model' 'Database references'       
7 5 'Structure model' 'Derived calculations'      
8 5 'Structure model' 'Refinement description'    
# 
loop_
_pdbx_audit_revision_category.ordinal 
_pdbx_audit_revision_category.revision_ordinal 
_pdbx_audit_revision_category.data_content_type 
_pdbx_audit_revision_category.category 
1 5 'Structure model' chem_comp_atom                
2 5 'Structure model' chem_comp_bond                
3 5 'Structure model' database_2                    
4 5 'Structure model' pdbx_initial_refinement_model 
5 5 'Structure model' pdbx_struct_conn_angle        
6 5 'Structure model' struct_conn                   
7 5 'Structure model' struct_site                   
# 
loop_
_pdbx_audit_revision_item.ordinal 
_pdbx_audit_revision_item.revision_ordinal 
_pdbx_audit_revision_item.data_content_type 
_pdbx_audit_revision_item.item 
1  5 'Structure model' '_database_2.pdbx_DOI'                        
2  5 'Structure model' '_database_2.pdbx_database_accession'         
3  5 'Structure model' '_pdbx_struct_conn_angle.ptnr1_auth_comp_id'  
4  5 'Structure model' '_pdbx_struct_conn_angle.ptnr1_auth_seq_id'   
5  5 'Structure model' '_pdbx_struct_conn_angle.ptnr1_label_asym_id' 
6  5 'Structure model' '_pdbx_struct_conn_angle.ptnr1_label_atom_id' 
7  5 'Structure model' '_pdbx_struct_conn_angle.ptnr1_label_comp_id' 
8  5 'Structure model' '_pdbx_struct_conn_angle.ptnr1_label_seq_id'  
9  5 'Structure model' '_pdbx_struct_conn_angle.ptnr3_auth_comp_id'  
10 5 'Structure model' '_pdbx_struct_conn_angle.ptnr3_auth_seq_id'   
11 5 'Structure model' '_pdbx_struct_conn_angle.ptnr3_label_asym_id' 
12 5 'Structure model' '_pdbx_struct_conn_angle.ptnr3_label_atom_id' 
13 5 'Structure model' '_pdbx_struct_conn_angle.ptnr3_label_comp_id' 
14 5 'Structure model' '_pdbx_struct_conn_angle.ptnr3_label_seq_id'  
15 5 'Structure model' '_pdbx_struct_conn_angle.value'               
16 5 'Structure model' '_struct_conn.pdbx_dist_value'                
17 5 'Structure model' '_struct_conn.pdbx_leaving_atom_flag'         
18 5 'Structure model' '_struct_conn.ptnr1_auth_comp_id'             
19 5 'Structure model' '_struct_conn.ptnr1_auth_seq_id'              
20 5 'Structure model' '_struct_conn.ptnr1_label_asym_id'            
21 5 'Structure model' '_struct_conn.ptnr1_label_atom_id'            
22 5 'Structure model' '_struct_conn.ptnr1_label_comp_id'            
23 5 'Structure model' '_struct_conn.ptnr1_label_seq_id'             
24 5 'Structure model' '_struct_conn.ptnr2_auth_comp_id'             
25 5 'Structure model' '_struct_conn.ptnr2_auth_seq_id'              
26 5 'Structure model' '_struct_conn.ptnr2_label_asym_id'            
27 5 'Structure model' '_struct_conn.ptnr2_label_atom_id'            
28 5 'Structure model' '_struct_conn.ptnr2_label_comp_id'            
29 5 'Structure model' '_struct_site.pdbx_auth_asym_id'              
30 5 'Structure model' '_struct_site.pdbx_auth_comp_id'              
31 5 'Structure model' '_struct_site.pdbx_auth_seq_id'               
# 
_pdbx_refine_tls.pdbx_refine_id   'X-RAY DIFFRACTION' 
_pdbx_refine_tls.id               1 
_pdbx_refine_tls.details          ? 
_pdbx_refine_tls.method           refined 
_pdbx_refine_tls.origin_x         -0.1476 
_pdbx_refine_tls.origin_y         -0.2210 
_pdbx_refine_tls.origin_z         -0.1091 
_pdbx_refine_tls.T[1][1]          0.0782 
_pdbx_refine_tls.T[2][2]          0.0632 
_pdbx_refine_tls.T[3][3]          0.0510 
_pdbx_refine_tls.T[1][2]          -0.0109 
_pdbx_refine_tls.T[1][3]          -0.0055 
_pdbx_refine_tls.T[2][3]          0.0021 
_pdbx_refine_tls.L[1][1]          0.4178 
_pdbx_refine_tls.L[2][2]          3.7923 
_pdbx_refine_tls.L[3][3]          1.0445 
_pdbx_refine_tls.L[1][2]          0.4094 
_pdbx_refine_tls.L[1][3]          -0.3811 
_pdbx_refine_tls.L[2][3]          -1.4103 
_pdbx_refine_tls.S[1][1]          0.0300 
_pdbx_refine_tls.S[1][2]          -0.0685 
_pdbx_refine_tls.S[1][3]          0.0101 
_pdbx_refine_tls.S[2][1]          0.1222 
_pdbx_refine_tls.S[2][2]          -0.1266 
_pdbx_refine_tls.S[2][3]          -0.1876 
_pdbx_refine_tls.S[3][1]          -0.0735 
_pdbx_refine_tls.S[3][2]          0.0641 
_pdbx_refine_tls.S[3][3]          0.0965 
# 
_pdbx_refine_tls_group.pdbx_refine_id      'X-RAY DIFFRACTION' 
_pdbx_refine_tls_group.id                  1 
_pdbx_refine_tls_group.refine_tls_id       1 
_pdbx_refine_tls_group.beg_auth_asym_id    A 
_pdbx_refine_tls_group.beg_auth_seq_id     1 
_pdbx_refine_tls_group.beg_label_asym_id   ? 
_pdbx_refine_tls_group.beg_label_seq_id    ? 
_pdbx_refine_tls_group.end_auth_asym_id    A 
_pdbx_refine_tls_group.end_auth_seq_id     8 
_pdbx_refine_tls_group.end_label_asym_id   ? 
_pdbx_refine_tls_group.end_label_seq_id    ? 
_pdbx_refine_tls_group.selection           ? 
_pdbx_refine_tls_group.selection_details   ? 
# 
loop_
_software.name 
_software.classification 
_software.version 
_software.citation_id 
_software.pdbx_ordinal 
CBASS    'data collection' .        ? 1 
PHASES   phasing           .        ? 2 
REFMAC   refinement        5.2.0019 ? 3 
HKL-2000 'data reduction'  .        ? 4 
HKL-2000 'data scaling'    .        ? 5 
# 
_pdbx_validate_rmsd_angle.id                         1 
_pdbx_validate_rmsd_angle.PDB_model_num              1 
_pdbx_validate_rmsd_angle.auth_atom_id_1             "O4'" 
_pdbx_validate_rmsd_angle.auth_asym_id_1             A 
_pdbx_validate_rmsd_angle.auth_comp_id_1             DG 
_pdbx_validate_rmsd_angle.auth_seq_id_1              3 
_pdbx_validate_rmsd_angle.PDB_ins_code_1             ? 
_pdbx_validate_rmsd_angle.label_alt_id_1             ? 
_pdbx_validate_rmsd_angle.auth_atom_id_2             "C1'" 
_pdbx_validate_rmsd_angle.auth_asym_id_2             A 
_pdbx_validate_rmsd_angle.auth_comp_id_2             DG 
_pdbx_validate_rmsd_angle.auth_seq_id_2              3 
_pdbx_validate_rmsd_angle.PDB_ins_code_2             ? 
_pdbx_validate_rmsd_angle.label_alt_id_2             ? 
_pdbx_validate_rmsd_angle.auth_atom_id_3             N9 
_pdbx_validate_rmsd_angle.auth_asym_id_3             A 
_pdbx_validate_rmsd_angle.auth_comp_id_3             DG 
_pdbx_validate_rmsd_angle.auth_seq_id_3              3 
_pdbx_validate_rmsd_angle.PDB_ins_code_3             ? 
_pdbx_validate_rmsd_angle.label_alt_id_3             ? 
_pdbx_validate_rmsd_angle.angle_value                110.59 
_pdbx_validate_rmsd_angle.angle_target_value         108.30 
_pdbx_validate_rmsd_angle.angle_deviation            2.29 
_pdbx_validate_rmsd_angle.angle_standard_deviation   0.30 
_pdbx_validate_rmsd_angle.linker_flag                N 
# 
loop_
_chem_comp_atom.comp_id 
_chem_comp_atom.atom_id 
_chem_comp_atom.type_symbol 
_chem_comp_atom.pdbx_aromatic_flag 
_chem_comp_atom.pdbx_stereo_config 
_chem_comp_atom.pdbx_ordinal 
DA  OP3    O  N N 1   
DA  P      P  N N 2   
DA  OP1    O  N N 3   
DA  OP2    O  N N 4   
DA  "O5'"  O  N N 5   
DA  "C5'"  C  N N 6   
DA  "C4'"  C  N R 7   
DA  "O4'"  O  N N 8   
DA  "C3'"  C  N S 9   
DA  "O3'"  O  N N 10  
DA  "C2'"  C  N N 11  
DA  "C1'"  C  N R 12  
DA  N9     N  Y N 13  
DA  C8     C  Y N 14  
DA  N7     N  Y N 15  
DA  C5     C  Y N 16  
DA  C6     C  Y N 17  
DA  N6     N  N N 18  
DA  N1     N  Y N 19  
DA  C2     C  Y N 20  
DA  N3     N  Y N 21  
DA  C4     C  Y N 22  
DA  HOP3   H  N N 23  
DA  HOP2   H  N N 24  
DA  "H5'"  H  N N 25  
DA  "H5''" H  N N 26  
DA  "H4'"  H  N N 27  
DA  "H3'"  H  N N 28  
DA  "HO3'" H  N N 29  
DA  "H2'"  H  N N 30  
DA  "H2''" H  N N 31  
DA  "H1'"  H  N N 32  
DA  H8     H  N N 33  
DA  H61    H  N N 34  
DA  H62    H  N N 35  
DA  H2     H  N N 36  
DC  OP3    O  N N 37  
DC  P      P  N N 38  
DC  OP1    O  N N 39  
DC  OP2    O  N N 40  
DC  "O5'"  O  N N 41  
DC  "C5'"  C  N N 42  
DC  "C4'"  C  N R 43  
DC  "O4'"  O  N N 44  
DC  "C3'"  C  N S 45  
DC  "O3'"  O  N N 46  
DC  "C2'"  C  N N 47  
DC  "C1'"  C  N R 48  
DC  N1     N  N N 49  
DC  C2     C  N N 50  
DC  O2     O  N N 51  
DC  N3     N  N N 52  
DC  C4     C  N N 53  
DC  N4     N  N N 54  
DC  C5     C  N N 55  
DC  C6     C  N N 56  
DC  HOP3   H  N N 57  
DC  HOP2   H  N N 58  
DC  "H5'"  H  N N 59  
DC  "H5''" H  N N 60  
DC  "H4'"  H  N N 61  
DC  "H3'"  H  N N 62  
DC  "HO3'" H  N N 63  
DC  "H2'"  H  N N 64  
DC  "H2''" H  N N 65  
DC  "H1'"  H  N N 66  
DC  H41    H  N N 67  
DC  H42    H  N N 68  
DC  H5     H  N N 69  
DC  H6     H  N N 70  
DG  OP3    O  N N 71  
DG  P      P  N N 72  
DG  OP1    O  N N 73  
DG  OP2    O  N N 74  
DG  "O5'"  O  N N 75  
DG  "C5'"  C  N N 76  
DG  "C4'"  C  N R 77  
DG  "O4'"  O  N N 78  
DG  "C3'"  C  N S 79  
DG  "O3'"  O  N N 80  
DG  "C2'"  C  N N 81  
DG  "C1'"  C  N R 82  
DG  N9     N  Y N 83  
DG  C8     C  Y N 84  
DG  N7     N  Y N 85  
DG  C5     C  Y N 86  
DG  C6     C  N N 87  
DG  O6     O  N N 88  
DG  N1     N  N N 89  
DG  C2     C  N N 90  
DG  N2     N  N N 91  
DG  N3     N  N N 92  
DG  C4     C  Y N 93  
DG  HOP3   H  N N 94  
DG  HOP2   H  N N 95  
DG  "H5'"  H  N N 96  
DG  "H5''" H  N N 97  
DG  "H4'"  H  N N 98  
DG  "H3'"  H  N N 99  
DG  "HO3'" H  N N 100 
DG  "H2'"  H  N N 101 
DG  "H2''" H  N N 102 
DG  "H1'"  H  N N 103 
DG  H8     H  N N 104 
DG  H1     H  N N 105 
DG  H21    H  N N 106 
DG  H22    H  N N 107 
HOH O      O  N N 108 
HOH H1     H  N N 109 
HOH H2     H  N N 110 
MG  MG     MG N N 111 
T5O P      P  N N 112 
T5O N1     N  N N 113 
T5O C2     C  N N 114 
T5O O2     O  N N 115 
T5O N3     N  N N 116 
T5O C4     C  N N 117 
T5O O4     O  N N 118 
T5O C5     C  N N 119 
T5O O5     O  N N 120 
T5O C6     C  N N 121 
T5O "C1'"  C  N R 122 
T5O OP3    O  N N 123 
T5O "C2'"  C  N N 124 
T5O OP2    O  N N 125 
T5O "C3'"  C  N S 126 
T5O "O3'"  O  N N 127 
T5O "C4'"  C  N R 128 
T5O "O4'"  O  N N 129 
T5O "C5'"  C  N N 130 
T5O "O5'"  O  N N 131 
T5O C7     C  N N 132 
T5O H6     H  N N 133 
T5O "H1'"  H  N N 134 
T5O HOP3   H  N N 135 
T5O "H2'"  H  N N 136 
T5O "H2'A" H  N N 137 
T5O HOP2   H  N N 138 
T5O "H3'"  H  N N 139 
T5O "HO3'" H  N N 140 
T5O "H4'"  H  N N 141 
T5O "H5'"  H  N N 142 
T5O "H5'A" H  N N 143 
T5O HC7    H  N N 144 
T5O HC7A   H  N N 145 
T5O HC7B   H  N N 146 
T5O HN3    H  N N 147 
T5O OP1    O  N N 148 
UMS OP3    O  N N 149 
UMS P      P  N N 150 
UMS OP1    O  N N 151 
UMS OP2    O  N N 152 
UMS "O5'"  O  N N 153 
UMS "C5'"  C  N N 154 
UMS "C4'"  C  N R 155 
UMS "O4'"  O  N N 156 
UMS "C3'"  C  N R 157 
UMS "O3'"  O  N N 158 
UMS "C2'"  C  N R 159 
UMS "SE2'" SE N N 160 
UMS "C1'"  C  N R 161 
UMS "CA'"  C  N N 162 
UMS N1     N  N N 163 
UMS C2     C  N N 164 
UMS O2     O  N N 165 
UMS N3     N  N N 166 
UMS C4     C  N N 167 
UMS O4     O  N N 168 
UMS C5     C  N N 169 
UMS C6     C  N N 170 
UMS HOP3   H  N N 171 
UMS HOP2   H  N N 172 
UMS "H5'"  H  N N 173 
UMS "H5'2" H  N N 174 
UMS "H4'"  H  N N 175 
UMS "H3'"  H  N N 176 
UMS "HO3'" H  N N 177 
UMS "H2'"  H  N N 178 
UMS "H1'"  H  N N 179 
UMS "HA'"  H  N N 180 
UMS "HA'2" H  N N 181 
UMS "HA'3" H  N N 182 
UMS H3     H  N N 183 
UMS H5     H  N N 184 
UMS H6     H  N N 185 
# 
loop_
_chem_comp_bond.comp_id 
_chem_comp_bond.atom_id_1 
_chem_comp_bond.atom_id_2 
_chem_comp_bond.value_order 
_chem_comp_bond.pdbx_aromatic_flag 
_chem_comp_bond.pdbx_stereo_config 
_chem_comp_bond.pdbx_ordinal 
DA  OP3    P      sing N N 1   
DA  OP3    HOP3   sing N N 2   
DA  P      OP1    doub N N 3   
DA  P      OP2    sing N N 4   
DA  P      "O5'"  sing N N 5   
DA  OP2    HOP2   sing N N 6   
DA  "O5'"  "C5'"  sing N N 7   
DA  "C5'"  "C4'"  sing N N 8   
DA  "C5'"  "H5'"  sing N N 9   
DA  "C5'"  "H5''" sing N N 10  
DA  "C4'"  "O4'"  sing N N 11  
DA  "C4'"  "C3'"  sing N N 12  
DA  "C4'"  "H4'"  sing N N 13  
DA  "O4'"  "C1'"  sing N N 14  
DA  "C3'"  "O3'"  sing N N 15  
DA  "C3'"  "C2'"  sing N N 16  
DA  "C3'"  "H3'"  sing N N 17  
DA  "O3'"  "HO3'" sing N N 18  
DA  "C2'"  "C1'"  sing N N 19  
DA  "C2'"  "H2'"  sing N N 20  
DA  "C2'"  "H2''" sing N N 21  
DA  "C1'"  N9     sing N N 22  
DA  "C1'"  "H1'"  sing N N 23  
DA  N9     C8     sing Y N 24  
DA  N9     C4     sing Y N 25  
DA  C8     N7     doub Y N 26  
DA  C8     H8     sing N N 27  
DA  N7     C5     sing Y N 28  
DA  C5     C6     sing Y N 29  
DA  C5     C4     doub Y N 30  
DA  C6     N6     sing N N 31  
DA  C6     N1     doub Y N 32  
DA  N6     H61    sing N N 33  
DA  N6     H62    sing N N 34  
DA  N1     C2     sing Y N 35  
DA  C2     N3     doub Y N 36  
DA  C2     H2     sing N N 37  
DA  N3     C4     sing Y N 38  
DC  OP3    P      sing N N 39  
DC  OP3    HOP3   sing N N 40  
DC  P      OP1    doub N N 41  
DC  P      OP2    sing N N 42  
DC  P      "O5'"  sing N N 43  
DC  OP2    HOP2   sing N N 44  
DC  "O5'"  "C5'"  sing N N 45  
DC  "C5'"  "C4'"  sing N N 46  
DC  "C5'"  "H5'"  sing N N 47  
DC  "C5'"  "H5''" sing N N 48  
DC  "C4'"  "O4'"  sing N N 49  
DC  "C4'"  "C3'"  sing N N 50  
DC  "C4'"  "H4'"  sing N N 51  
DC  "O4'"  "C1'"  sing N N 52  
DC  "C3'"  "O3'"  sing N N 53  
DC  "C3'"  "C2'"  sing N N 54  
DC  "C3'"  "H3'"  sing N N 55  
DC  "O3'"  "HO3'" sing N N 56  
DC  "C2'"  "C1'"  sing N N 57  
DC  "C2'"  "H2'"  sing N N 58  
DC  "C2'"  "H2''" sing N N 59  
DC  "C1'"  N1     sing N N 60  
DC  "C1'"  "H1'"  sing N N 61  
DC  N1     C2     sing N N 62  
DC  N1     C6     sing N N 63  
DC  C2     O2     doub N N 64  
DC  C2     N3     sing N N 65  
DC  N3     C4     doub N N 66  
DC  C4     N4     sing N N 67  
DC  C4     C5     sing N N 68  
DC  N4     H41    sing N N 69  
DC  N4     H42    sing N N 70  
DC  C5     C6     doub N N 71  
DC  C5     H5     sing N N 72  
DC  C6     H6     sing N N 73  
DG  OP3    P      sing N N 74  
DG  OP3    HOP3   sing N N 75  
DG  P      OP1    doub N N 76  
DG  P      OP2    sing N N 77  
DG  P      "O5'"  sing N N 78  
DG  OP2    HOP2   sing N N 79  
DG  "O5'"  "C5'"  sing N N 80  
DG  "C5'"  "C4'"  sing N N 81  
DG  "C5'"  "H5'"  sing N N 82  
DG  "C5'"  "H5''" sing N N 83  
DG  "C4'"  "O4'"  sing N N 84  
DG  "C4'"  "C3'"  sing N N 85  
DG  "C4'"  "H4'"  sing N N 86  
DG  "O4'"  "C1'"  sing N N 87  
DG  "C3'"  "O3'"  sing N N 88  
DG  "C3'"  "C2'"  sing N N 89  
DG  "C3'"  "H3'"  sing N N 90  
DG  "O3'"  "HO3'" sing N N 91  
DG  "C2'"  "C1'"  sing N N 92  
DG  "C2'"  "H2'"  sing N N 93  
DG  "C2'"  "H2''" sing N N 94  
DG  "C1'"  N9     sing N N 95  
DG  "C1'"  "H1'"  sing N N 96  
DG  N9     C8     sing Y N 97  
DG  N9     C4     sing Y N 98  
DG  C8     N7     doub Y N 99  
DG  C8     H8     sing N N 100 
DG  N7     C5     sing Y N 101 
DG  C5     C6     sing N N 102 
DG  C5     C4     doub Y N 103 
DG  C6     O6     doub N N 104 
DG  C6     N1     sing N N 105 
DG  N1     C2     sing N N 106 
DG  N1     H1     sing N N 107 
DG  C2     N2     sing N N 108 
DG  C2     N3     doub N N 109 
DG  N2     H21    sing N N 110 
DG  N2     H22    sing N N 111 
DG  N3     C4     sing N N 112 
HOH O      H1     sing N N 113 
HOH O      H2     sing N N 114 
T5O P      OP3    sing N N 115 
T5O N1     C6     sing N N 116 
T5O N1     "C1'"  sing N N 117 
T5O C2     N1     sing N N 118 
T5O O2     C2     doub N N 119 
T5O N3     C2     sing N N 120 
T5O N3     C4     sing N N 121 
T5O N3     HN3    sing N N 122 
T5O C4     C5     sing N N 123 
T5O O4     C4     doub N N 124 
T5O C5     O5     sing N N 125 
T5O C5     C6     doub N N 126 
T5O O5     C7     sing N N 127 
T5O C6     H6     sing N N 128 
T5O "C1'"  "O4'"  sing N N 129 
T5O "C1'"  "C2'"  sing N N 130 
T5O "C1'"  "H1'"  sing N N 131 
T5O OP3    HOP3   sing N N 132 
T5O "C2'"  "C3'"  sing N N 133 
T5O "C2'"  "H2'"  sing N N 134 
T5O "C2'"  "H2'A" sing N N 135 
T5O OP2    P      sing N N 136 
T5O OP2    HOP2   sing N N 137 
T5O "C3'"  "O3'"  sing N N 138 
T5O "C3'"  "H3'"  sing N N 139 
T5O "O3'"  "HO3'" sing N N 140 
T5O "C4'"  "C3'"  sing N N 141 
T5O "C4'"  "C5'"  sing N N 142 
T5O "C4'"  "H4'"  sing N N 143 
T5O "O4'"  "C4'"  sing N N 144 
T5O "C5'"  "H5'"  sing N N 145 
T5O "C5'"  "H5'A" sing N N 146 
T5O "O5'"  P      sing N N 147 
T5O "O5'"  "C5'"  sing N N 148 
T5O C7     HC7    sing N N 149 
T5O C7     HC7A   sing N N 150 
T5O C7     HC7B   sing N N 151 
T5O P      OP1    doub N N 152 
UMS OP3    P      sing N N 153 
UMS OP3    HOP3   sing N N 154 
UMS P      OP1    doub N N 155 
UMS P      OP2    sing N N 156 
UMS P      "O5'"  sing N N 157 
UMS OP2    HOP2   sing N N 158 
UMS "O5'"  "C5'"  sing N N 159 
UMS "C5'"  "C4'"  sing N N 160 
UMS "C5'"  "H5'"  sing N N 161 
UMS "C5'"  "H5'2" sing N N 162 
UMS "C4'"  "O4'"  sing N N 163 
UMS "C4'"  "C3'"  sing N N 164 
UMS "C4'"  "H4'"  sing N N 165 
UMS "O4'"  "C1'"  sing N N 166 
UMS "C3'"  "O3'"  sing N N 167 
UMS "C3'"  "C2'"  sing N N 168 
UMS "C3'"  "H3'"  sing N N 169 
UMS "O3'"  "HO3'" sing N N 170 
UMS "C2'"  "SE2'" sing N N 171 
UMS "C2'"  "C1'"  sing N N 172 
UMS "C2'"  "H2'"  sing N N 173 
UMS "SE2'" "CA'"  sing N N 174 
UMS "C1'"  N1     sing N N 175 
UMS "C1'"  "H1'"  sing N N 176 
UMS "CA'"  "HA'"  sing N N 177 
UMS "CA'"  "HA'2" sing N N 178 
UMS "CA'"  "HA'3" sing N N 179 
UMS N1     C2     sing N N 180 
UMS N1     C6     sing N N 181 
UMS C2     O2     doub N N 182 
UMS C2     N3     sing N N 183 
UMS N3     C4     sing N N 184 
UMS N3     H3     sing N N 185 
UMS C4     O4     doub N N 186 
UMS C4     C5     sing N N 187 
UMS C5     C6     doub N N 188 
UMS C5     H5     sing N N 189 
UMS C6     H6     sing N N 190 
# 
_ndb_struct_conf_na.entry_id   3LTR 
_ndb_struct_conf_na.feature    'a-form double helix' 
# 
loop_
_ndb_struct_na_base_pair.model_number 
_ndb_struct_na_base_pair.i_label_asym_id 
_ndb_struct_na_base_pair.i_label_comp_id 
_ndb_struct_na_base_pair.i_label_seq_id 
_ndb_struct_na_base_pair.i_symmetry 
_ndb_struct_na_base_pair.j_label_asym_id 
_ndb_struct_na_base_pair.j_label_comp_id 
_ndb_struct_na_base_pair.j_label_seq_id 
_ndb_struct_na_base_pair.j_symmetry 
_ndb_struct_na_base_pair.shear 
_ndb_struct_na_base_pair.stretch 
_ndb_struct_na_base_pair.stagger 
_ndb_struct_na_base_pair.buckle 
_ndb_struct_na_base_pair.propeller 
_ndb_struct_na_base_pair.opening 
_ndb_struct_na_base_pair.pair_number 
_ndb_struct_na_base_pair.pair_name 
_ndb_struct_na_base_pair.i_auth_asym_id 
_ndb_struct_na_base_pair.i_auth_seq_id 
_ndb_struct_na_base_pair.i_PDB_ins_code 
_ndb_struct_na_base_pair.j_auth_asym_id 
_ndb_struct_na_base_pair.j_auth_seq_id 
_ndb_struct_na_base_pair.j_PDB_ins_code 
_ndb_struct_na_base_pair.hbond_type_28 
_ndb_struct_na_base_pair.hbond_type_12 
1 A DG  1 1_555 A DC  8 7_555 -0.350 -0.108 -0.316 -20.419 -13.058 -1.533 1 A_DG1:DC8_A  A 1 ? A 8 ? 19 1 
1 A UMS 2 1_555 A DA  7 7_555 -0.034 -0.070 0.225  -9.472  -11.128 2.460  2 A_UMS2:DA7_A A 2 ? A 7 ? 20 1 
1 A DG  3 1_555 A DC  6 7_555 -0.269 -0.190 0.293  -4.456  -12.941 0.248  3 A_DG3:DC6_A  A 3 ? A 6 ? 19 1 
1 A T5O 4 1_555 A DA  5 7_555 -0.167 -0.176 0.306  -4.517  -11.497 -5.746 4 A_T5O4:DA5_A A 4 ? A 5 ? 20 1 
1 A DA  5 1_555 A T5O 4 7_555 0.167  -0.176 0.306  4.517   -11.497 -5.746 5 A_DA5:T5O4_A A 5 ? A 4 ? 20 1 
1 A DC  6 1_555 A DG  3 7_555 0.269  -0.190 0.293  4.456   -12.941 0.248  6 A_DC6:DG3_A  A 6 ? A 3 ? 19 1 
1 A DA  7 1_555 A UMS 2 7_555 0.034  -0.070 0.225  9.472   -11.128 2.460  7 A_DA7:UMS2_A A 7 ? A 2 ? 20 1 
1 A DC  8 1_555 A DG  1 7_555 0.350  -0.108 -0.316 20.419  -13.058 -1.533 8 A_DC8:DG1_A  A 8 ? A 1 ? 19 1 
# 
loop_
_ndb_struct_na_base_pair_step.model_number 
_ndb_struct_na_base_pair_step.i_label_asym_id_1 
_ndb_struct_na_base_pair_step.i_label_comp_id_1 
_ndb_struct_na_base_pair_step.i_label_seq_id_1 
_ndb_struct_na_base_pair_step.i_symmetry_1 
_ndb_struct_na_base_pair_step.j_label_asym_id_1 
_ndb_struct_na_base_pair_step.j_label_comp_id_1 
_ndb_struct_na_base_pair_step.j_label_seq_id_1 
_ndb_struct_na_base_pair_step.j_symmetry_1 
_ndb_struct_na_base_pair_step.i_label_asym_id_2 
_ndb_struct_na_base_pair_step.i_label_comp_id_2 
_ndb_struct_na_base_pair_step.i_label_seq_id_2 
_ndb_struct_na_base_pair_step.i_symmetry_2 
_ndb_struct_na_base_pair_step.j_label_asym_id_2 
_ndb_struct_na_base_pair_step.j_label_comp_id_2 
_ndb_struct_na_base_pair_step.j_label_seq_id_2 
_ndb_struct_na_base_pair_step.j_symmetry_2 
_ndb_struct_na_base_pair_step.shift 
_ndb_struct_na_base_pair_step.slide 
_ndb_struct_na_base_pair_step.rise 
_ndb_struct_na_base_pair_step.tilt 
_ndb_struct_na_base_pair_step.roll 
_ndb_struct_na_base_pair_step.twist 
_ndb_struct_na_base_pair_step.x_displacement 
_ndb_struct_na_base_pair_step.y_displacement 
_ndb_struct_na_base_pair_step.helical_rise 
_ndb_struct_na_base_pair_step.inclination 
_ndb_struct_na_base_pair_step.tip 
_ndb_struct_na_base_pair_step.helical_twist 
_ndb_struct_na_base_pair_step.step_number 
_ndb_struct_na_base_pair_step.step_name 
_ndb_struct_na_base_pair_step.i_auth_asym_id_1 
_ndb_struct_na_base_pair_step.i_auth_seq_id_1 
_ndb_struct_na_base_pair_step.i_PDB_ins_code_1 
_ndb_struct_na_base_pair_step.j_auth_asym_id_1 
_ndb_struct_na_base_pair_step.j_auth_seq_id_1 
_ndb_struct_na_base_pair_step.j_PDB_ins_code_1 
_ndb_struct_na_base_pair_step.i_auth_asym_id_2 
_ndb_struct_na_base_pair_step.i_auth_seq_id_2 
_ndb_struct_na_base_pair_step.i_PDB_ins_code_2 
_ndb_struct_na_base_pair_step.j_auth_asym_id_2 
_ndb_struct_na_base_pair_step.j_auth_seq_id_2 
_ndb_struct_na_base_pair_step.j_PDB_ins_code_2 
1 A DG  1 1_555 A DC  8 7_555 A UMS 2 1_555 A DA  7 7_555 0.449  -0.894 3.140 -2.979 12.900 31.118 -3.431 -1.210 2.529 22.797 
5.264  33.754 1 AA_DG1UMS2:DA7DC8_AA  A 1 ? A 8 ? A 2 ? A 7 ? 
1 A UMS 2 1_555 A DA  7 7_555 A DG  3 1_555 A DC  6 7_555 0.750  -1.468 2.963 1.314  11.804 28.972 -4.573 -1.185 2.239 22.440 
-2.499 31.264 2 AA_UMS2DG3:DC6DA7_AA  A 2 ? A 7 ? A 3 ? A 6 ? 
1 A DG  3 1_555 A DC  6 7_555 A T5O 4 1_555 A DA  5 7_555 -0.163 -1.877 3.311 1.874  -0.170 34.214 -3.158 0.574  3.306 -0.288 
-3.182 34.264 3 AA_DG3T5O4:DA5DC6_AA  A 3 ? A 6 ? A 4 ? A 5 ? 
1 A T5O 4 1_555 A DA  5 7_555 A DA  5 1_555 A T5O 4 7_555 0.000  -1.566 2.955 0.000  5.975  29.994 -3.986 0.000  2.601 11.402 
0.000  30.570 4 AA_T5O4DA5:T5O4DA5_AA A 4 ? A 5 ? A 5 ? A 4 ? 
1 A DA  5 1_555 A T5O 4 7_555 A DC  6 1_555 A DG  3 7_555 0.163  -1.877 3.311 -1.874 -0.170 34.214 -3.158 -0.574 3.306 -0.288 
3.182  34.264 5 AA_DA5DC6:DG3T5O4_AA  A 5 ? A 4 ? A 6 ? A 3 ? 
1 A DC  6 1_555 A DG  3 7_555 A DA  7 1_555 A UMS 2 7_555 -0.750 -1.468 2.963 -1.315 11.804 28.972 -4.573 1.185  2.239 22.440 
2.499  31.264 6 AA_DC6DA7:UMS2DG3_AA  A 6 ? A 3 ? A 7 ? A 2 ? 
1 A DA  7 1_555 A UMS 2 7_555 A DC  8 1_555 A DG  1 7_555 -0.449 -0.894 3.140 2.979  12.900 31.118 -3.431 1.210  2.529 22.797 
-5.264 33.754 7 AA_DA7DC8:DG1UMS2_AA  A 7 ? A 2 ? A 8 ? A 1 ? 
# 
loop_
_pdbx_entity_nonpoly.entity_id 
_pdbx_entity_nonpoly.name 
_pdbx_entity_nonpoly.comp_id 
2 'MAGNESIUM ION' MG  
3 water           HOH 
# 
_pdbx_initial_refinement_model.id               1 
_pdbx_initial_refinement_model.entity_id_list   ? 
_pdbx_initial_refinement_model.type             'experimental model' 
_pdbx_initial_refinement_model.source_name      PDB 
_pdbx_initial_refinement_model.accession_code   1DNS 
_pdbx_initial_refinement_model.details          ? 
# 
